data_1BIH
#
_entry.id   1BIH
#
_cell.length_a   85.000
_cell.length_b   90.300
_cell.length_c   143.100
_cell.angle_alpha   90.00
_cell.angle_beta   90.00
_cell.angle_gamma   90.00
#
_symmetry.space_group_name_H-M   'P 21 21 21'
#
loop_
_entity.id
_entity.type
_entity.pdbx_description
1 polymer HEMOLIN
2 non-polymer 'PHOSPHATE ION'
#
_entity_poly.entity_id   1
_entity_poly.type   'polypeptide(L)'
_entity_poly.pdbx_seq_one_letter_code
;LPVDKYPVLKDQPAEVLFRENNPTVLECIIEGNDQGVKYSWKKDGKSYNWQEHNAALRKDEGSLVFLRPQASDEGHYQCF
AETPAGVASSRVISFRKTYLIASPAKTHEKTPIEGRPFQLDCVLPNAYPKPLITWKKRLSGADPNADVTDFDRRITAGPD
GNLYFTIVTKEDVSDIYKYVCTAKNAAVDEEVVLVEYEIKGVTKDNSGYKGEPVPQYVSKDMMAKAGDVTMIYCMYGSNP
MGYPNYFKNGKDVNGNPEDRITRHNRTSGKRLLFKTTLPEDEGVYTCEVDNGVGKPQKHSLKLTVVSAPKYEQKPEKVIV
VKQGQDVTIPCKVTGLPAPNVVWSHNAKPLSGGRATVTDSGLVIKGVKNGDKGYYGCRATNEHGDKYFETLVQVN
;
_entity_poly.pdbx_strand_id   A,B
#
loop_
_chem_comp.id
_chem_comp.type
_chem_comp.name
_chem_comp.formula
PO4 non-polymer 'PHOSPHATE ION' 'O4 P -3'
#
# COMPACT_ATOMS: atom_id res chain seq x y z
N LYS A 5 29.97 20.99 4.03
CA LYS A 5 30.74 21.87 3.10
C LYS A 5 30.30 23.33 3.24
N TYR A 6 29.41 23.75 2.36
CA TYR A 6 28.89 25.11 2.33
C TYR A 6 27.38 25.02 2.50
N PRO A 7 26.70 26.16 2.71
CA PRO A 7 25.24 26.09 2.87
C PRO A 7 24.61 25.96 1.48
N VAL A 8 24.08 24.76 1.20
CA VAL A 8 23.44 24.47 -0.08
C VAL A 8 22.22 23.58 0.17
N LEU A 9 21.16 23.79 -0.60
CA LEU A 9 19.94 23.00 -0.43
C LEU A 9 20.05 21.59 -1.04
N LYS A 10 19.46 20.61 -0.38
CA LYS A 10 19.47 19.23 -0.87
C LYS A 10 18.40 19.21 -1.97
N ASP A 11 18.56 18.34 -2.97
CA ASP A 11 17.57 18.27 -4.05
C ASP A 11 16.22 17.78 -3.54
N GLN A 12 15.16 18.05 -4.29
CA GLN A 12 13.83 17.65 -3.86
C GLN A 12 12.98 17.19 -5.04
N PRO A 13 11.95 16.37 -4.77
CA PRO A 13 11.01 15.80 -5.75
C PRO A 13 10.13 16.80 -6.45
N ALA A 14 9.78 16.48 -7.69
CA ALA A 14 8.93 17.32 -8.52
C ALA A 14 7.50 17.47 -8.00
N GLU A 15 6.97 16.42 -7.39
CA GLU A 15 5.61 16.46 -6.88
C GLU A 15 5.51 15.60 -5.64
N VAL A 16 4.70 16.05 -4.69
CA VAL A 16 4.49 15.34 -3.44
C VAL A 16 2.99 15.18 -3.25
N LEU A 17 2.51 13.93 -3.21
CA LEU A 17 1.08 13.67 -3.04
C LEU A 17 0.73 13.53 -1.56
N PHE A 18 -0.52 13.78 -1.20
CA PHE A 18 -0.97 13.66 0.17
C PHE A 18 -2.36 13.09 0.24
N ARG A 19 -2.62 12.27 1.25
CA ARG A 19 -3.93 11.68 1.43
C ARG A 19 -4.65 12.62 2.36
N GLU A 20 -5.81 13.10 1.96
CA GLU A 20 -6.53 14.06 2.80
C GLU A 20 -6.47 13.75 4.30
N ASN A 21 -6.23 14.79 5.10
CA ASN A 21 -6.17 14.68 6.55
C ASN A 21 -4.94 13.99 7.14
N ASN A 22 -4.14 13.35 6.28
CA ASN A 22 -2.95 12.63 6.74
C ASN A 22 -1.70 13.52 6.75
N PRO A 23 -0.94 13.50 7.85
CA PRO A 23 0.27 14.33 7.93
C PRO A 23 1.29 14.03 6.84
N THR A 24 1.68 15.06 6.10
CA THR A 24 2.67 14.86 5.06
C THR A 24 3.65 16.03 5.07
N VAL A 25 4.89 15.75 4.70
CA VAL A 25 5.92 16.76 4.71
C VAL A 25 6.47 17.12 3.34
N LEU A 26 6.78 18.40 3.18
CA LEU A 26 7.37 18.98 1.98
C LEU A 26 8.80 19.30 2.40
N GLU A 27 9.72 18.41 2.07
CA GLU A 27 11.15 18.53 2.41
C GLU A 27 11.82 19.85 2.11
N CYS A 28 12.91 20.11 2.83
CA CYS A 28 13.72 21.30 2.64
C CYS A 28 14.87 21.33 3.64
N ILE A 29 15.93 20.61 3.30
CA ILE A 29 17.10 20.51 4.15
C ILE A 29 18.29 21.25 3.57
N ILE A 30 19.09 21.83 4.45
CA ILE A 30 20.27 22.58 4.05
C ILE A 30 21.52 21.74 4.29
N GLU A 31 22.13 21.25 3.22
CA GLU A 31 23.37 20.45 3.29
C GLU A 31 24.50 21.34 3.79
N GLY A 32 25.50 20.74 4.45
CA GLY A 32 26.62 21.52 4.94
C GLY A 32 26.37 22.40 6.15
N ASN A 33 27.18 23.46 6.27
CA ASN A 33 27.12 24.42 7.39
C ASN A 33 25.80 25.21 7.45
N ASP A 34 24.81 24.71 8.20
CA ASP A 34 23.49 25.35 8.31
C ASP A 34 23.33 26.25 9.54
N GLN A 35 24.26 27.18 9.72
CA GLN A 35 24.19 28.08 10.87
C GLN A 35 23.51 29.40 10.49
N GLY A 36 22.55 29.81 11.34
CA GLY A 36 21.84 31.06 11.12
C GLY A 36 21.04 31.24 9.83
N VAL A 37 20.57 30.14 9.25
CA VAL A 37 19.78 30.22 8.03
C VAL A 37 18.29 30.31 8.43
N LYS A 38 17.52 31.15 7.74
CA LYS A 38 16.11 31.30 8.01
C LYS A 38 15.33 30.81 6.79
N TYR A 39 14.41 29.87 7.02
CA TYR A 39 13.61 29.30 5.93
C TYR A 39 12.25 29.97 5.78
N SER A 40 11.79 30.14 4.56
CA SER A 40 10.48 30.74 4.30
C SER A 40 9.86 30.08 3.09
N TRP A 41 8.57 29.81 3.16
CA TRP A 41 7.86 29.17 2.07
C TRP A 41 6.97 30.15 1.34
N LYS A 42 6.76 29.89 0.07
CA LYS A 42 5.89 30.72 -0.75
C LYS A 42 4.98 29.74 -1.46
N LYS A 43 3.67 29.96 -1.43
CA LYS A 43 2.76 29.05 -2.12
C LYS A 43 2.07 29.77 -3.26
N ASP A 44 1.99 29.11 -4.40
CA ASP A 44 1.34 29.70 -5.55
C ASP A 44 1.82 31.13 -5.81
N GLY A 45 3.06 31.44 -5.43
CA GLY A 45 3.56 32.78 -5.65
C GLY A 45 3.49 33.66 -4.43
N LYS A 46 2.30 33.95 -3.94
CA LYS A 46 2.19 34.78 -2.76
C LYS A 46 2.84 34.08 -1.56
N SER A 47 3.20 34.84 -0.54
CA SER A 47 3.87 34.28 0.64
C SER A 47 3.04 33.39 1.56
N TYR A 48 3.62 32.28 1.99
CA TYR A 48 2.94 31.35 2.88
C TYR A 48 3.30 31.57 4.35
N ASN A 49 2.28 31.79 5.14
CA ASN A 49 2.43 31.96 6.60
C ASN A 49 2.01 30.66 7.31
N TRP A 50 2.95 29.74 7.42
CA TRP A 50 2.61 28.45 8.02
C TRP A 50 2.13 28.58 9.46
N GLN A 51 2.82 29.41 10.24
CA GLN A 51 2.47 29.64 11.64
C GLN A 51 0.95 29.81 11.79
N GLU A 52 0.35 30.61 10.88
CA GLU A 52 -1.10 30.86 10.90
C GLU A 52 -1.93 29.63 10.55
N HIS A 53 -1.45 28.83 9.60
CA HIS A 53 -2.17 27.63 9.19
C HIS A 53 -1.97 26.48 10.15
N ASN A 54 -2.44 25.31 9.73
CA ASN A 54 -2.32 24.10 10.52
C ASN A 54 -1.08 23.31 10.12
N ALA A 55 0.06 23.99 10.12
CA ALA A 55 1.33 23.38 9.75
C ALA A 55 2.45 23.74 10.71
N ALA A 56 3.58 23.06 10.58
CA ALA A 56 4.72 23.30 11.43
C ALA A 56 5.98 22.99 10.66
N LEU A 57 7.08 23.65 11.00
CA LEU A 57 8.33 23.42 10.31
C LEU A 57 9.14 22.39 11.09
N ARG A 58 9.73 21.44 10.37
CA ARG A 58 10.54 20.41 11.00
C ARG A 58 11.62 21.17 11.76
N LYS A 59 12.20 20.55 12.78
CA LYS A 59 13.22 21.22 13.60
C LYS A 59 14.43 21.87 12.93
N ASP A 60 15.50 21.11 12.77
CA ASP A 60 16.70 21.67 12.18
C ASP A 60 16.69 21.85 10.65
N GLU A 61 15.50 21.91 10.04
CA GLU A 61 15.42 22.09 8.60
C GLU A 61 14.32 23.10 8.23
N GLY A 62 14.04 23.23 6.93
CA GLY A 62 13.01 24.15 6.51
C GLY A 62 11.76 23.39 6.09
N SER A 63 11.86 22.07 6.12
CA SER A 63 10.75 21.19 5.77
C SER A 63 9.46 21.61 6.44
N LEU A 64 8.43 21.81 5.63
CA LEU A 64 7.14 22.21 6.12
C LEU A 64 6.23 20.99 6.23
N VAL A 65 5.77 20.70 7.43
CA VAL A 65 4.89 19.55 7.66
C VAL A 65 3.47 20.01 7.84
N PHE A 66 2.56 19.43 7.04
CA PHE A 66 1.15 19.74 7.13
C PHE A 66 0.58 18.76 8.16
N LEU A 67 0.00 19.28 9.24
CA LEU A 67 -0.55 18.47 10.32
C LEU A 67 -1.89 17.84 9.97
N ARG A 68 -2.52 18.33 8.91
CA ARG A 68 -3.79 17.80 8.44
C ARG A 68 -4.12 18.56 7.17
N PRO A 69 -3.51 18.14 6.04
CA PRO A 69 -3.74 18.78 4.76
C PRO A 69 -5.17 18.61 4.31
N GLN A 70 -5.69 19.64 3.66
CA GLN A 70 -7.05 19.61 3.14
C GLN A 70 -6.94 19.71 1.64
N ALA A 71 -8.04 19.55 0.93
CA ALA A 71 -7.99 19.66 -0.51
C ALA A 71 -7.55 21.06 -0.89
N SER A 72 -7.92 22.04 -0.07
CA SER A 72 -7.58 23.43 -0.31
C SER A 72 -6.11 23.75 -0.07
N ASP A 73 -5.33 22.73 0.28
CA ASP A 73 -3.91 22.92 0.57
C ASP A 73 -3.08 22.63 -0.66
N GLU A 74 -3.72 22.07 -1.68
CA GLU A 74 -3.07 21.74 -2.94
C GLU A 74 -2.39 22.98 -3.44
N GLY A 75 -1.37 22.81 -4.27
CA GLY A 75 -0.71 23.98 -4.80
C GLY A 75 0.76 23.84 -5.13
N HIS A 76 1.34 24.95 -5.56
CA HIS A 76 2.74 25.00 -5.92
C HIS A 76 3.50 25.68 -4.80
N TYR A 77 4.39 24.94 -4.15
CA TYR A 77 5.16 25.47 -3.04
C TYR A 77 6.64 25.60 -3.39
N GLN A 78 7.24 26.71 -2.97
CA GLN A 78 8.66 26.94 -3.19
C GLN A 78 9.25 27.35 -1.87
N CYS A 79 10.48 26.92 -1.64
CA CYS A 79 11.15 27.20 -0.40
C CYS A 79 12.37 28.09 -0.63
N PHE A 80 12.67 28.93 0.36
CA PHE A 80 13.81 29.84 0.28
C PHE A 80 14.59 29.85 1.59
N ALA A 81 15.87 29.50 1.55
CA ALA A 81 16.66 29.50 2.75
C ALA A 81 17.58 30.69 2.69
N GLU A 82 17.45 31.61 3.65
CA GLU A 82 18.30 32.80 3.70
C GLU A 82 19.54 32.47 4.49
N THR A 83 20.68 32.53 3.83
CA THR A 83 21.92 32.19 4.47
C THR A 83 22.96 33.31 4.35
N PRO A 84 24.07 33.20 5.08
CA PRO A 84 25.10 34.24 5.01
C PRO A 84 25.53 34.54 3.58
N ALA A 85 25.51 33.51 2.72
CA ALA A 85 25.93 33.64 1.32
C ALA A 85 24.90 34.32 0.41
N GLY A 86 23.63 34.17 0.75
CA GLY A 86 22.57 34.76 -0.04
C GLY A 86 21.27 34.01 0.19
N VAL A 87 20.49 33.80 -0.85
CA VAL A 87 19.23 33.07 -0.71
C VAL A 87 19.08 31.87 -1.63
N ALA A 88 19.16 30.69 -1.05
CA ALA A 88 19.02 29.45 -1.78
C ALA A 88 17.54 29.29 -2.06
N SER A 89 17.21 28.53 -3.10
CA SER A 89 15.84 28.29 -3.46
C SER A 89 15.65 26.84 -3.87
N SER A 90 14.48 26.31 -3.59
CA SER A 90 14.17 24.93 -3.95
C SER A 90 13.45 25.04 -5.28
N ARG A 91 13.29 23.90 -5.95
CA ARG A 91 12.56 23.93 -7.20
C ARG A 91 11.14 24.18 -6.75
N VAL A 92 10.24 24.45 -7.67
CA VAL A 92 8.87 24.65 -7.27
C VAL A 92 8.28 23.27 -7.11
N ILE A 93 7.81 22.95 -5.91
CA ILE A 93 7.24 21.65 -5.63
C ILE A 93 5.72 21.63 -5.72
N SER A 94 5.20 20.68 -6.49
CA SER A 94 3.77 20.51 -6.70
C SER A 94 3.15 19.64 -5.62
N PHE A 95 2.25 20.21 -4.83
CA PHE A 95 1.58 19.51 -3.75
C PHE A 95 0.15 19.14 -4.20
N ARG A 96 -0.10 17.85 -4.39
CA ARG A 96 -1.41 17.40 -4.84
C ARG A 96 -2.06 16.39 -3.94
N LYS A 97 -3.38 16.27 -4.03
CA LYS A 97 -4.14 15.32 -3.20
C LYS A 97 -4.35 14.04 -3.96
N THR A 98 -3.97 12.93 -3.33
CA THR A 98 -4.12 11.62 -3.93
C THR A 98 -5.40 10.96 -3.40
N TYR A 99 -6.11 10.26 -4.27
CA TYR A 99 -7.34 9.59 -3.87
C TYR A 99 -7.76 8.61 -4.93
N LEU A 100 -8.70 7.74 -4.56
CA LEU A 100 -9.28 6.76 -5.47
C LEU A 100 -10.72 6.59 -5.07
N ILE A 101 -11.61 7.13 -5.89
CA ILE A 101 -13.03 7.05 -5.63
C ILE A 101 -13.71 6.10 -6.57
N ALA A 102 -14.33 5.06 -6.01
CA ALA A 102 -15.03 4.06 -6.80
C ALA A 102 -16.34 3.62 -6.16
N SER A 103 -17.35 3.36 -6.98
CA SER A 103 -18.63 2.90 -6.45
C SER A 103 -18.41 1.45 -6.04
N PRO A 104 -19.15 0.96 -5.02
CA PRO A 104 -19.03 -0.42 -4.52
C PRO A 104 -19.12 -1.47 -5.63
N ALA A 105 -18.19 -2.41 -5.58
CA ALA A 105 -18.10 -3.48 -6.55
C ALA A 105 -19.41 -4.19 -6.77
N LYS A 106 -19.87 -4.22 -8.02
CA LYS A 106 -21.11 -4.93 -8.35
C LYS A 106 -20.77 -6.18 -9.16
N THR A 107 -21.33 -7.32 -8.78
CA THR A 107 -21.07 -8.57 -9.50
C THR A 107 -22.12 -8.77 -10.60
N HIS A 108 -21.66 -9.02 -11.84
CA HIS A 108 -22.52 -9.22 -13.01
C HIS A 108 -22.35 -10.58 -13.66
N GLU A 109 -23.45 -11.17 -14.12
CA GLU A 109 -23.40 -12.47 -14.78
C GLU A 109 -23.42 -12.26 -16.30
N LYS A 110 -22.70 -13.11 -17.03
CA LYS A 110 -22.65 -12.99 -18.48
C LYS A 110 -22.65 -14.33 -19.21
N THR A 111 -23.46 -14.41 -20.25
CA THR A 111 -23.60 -15.59 -21.09
C THR A 111 -23.37 -15.11 -22.51
N PRO A 112 -22.11 -15.04 -22.94
CA PRO A 112 -21.77 -14.59 -24.29
C PRO A 112 -21.93 -15.68 -25.35
N ILE A 113 -22.01 -15.25 -26.60
CA ILE A 113 -22.13 -16.15 -27.74
C ILE A 113 -20.75 -16.77 -27.96
N GLU A 114 -20.70 -18.08 -28.16
CA GLU A 114 -19.45 -18.79 -28.38
C GLU A 114 -18.76 -18.31 -29.66
N GLY A 115 -17.50 -18.72 -29.80
CA GLY A 115 -16.68 -18.39 -30.96
C GLY A 115 -16.78 -17.00 -31.56
N ARG A 116 -17.00 -16.02 -30.71
CA ARG A 116 -17.13 -14.65 -31.17
C ARG A 116 -16.48 -13.70 -30.18
N PRO A 117 -15.81 -12.65 -30.68
CA PRO A 117 -15.13 -11.66 -29.84
C PRO A 117 -15.99 -11.24 -28.62
N PHE A 118 -15.34 -10.99 -27.49
CA PHE A 118 -16.01 -10.60 -26.27
C PHE A 118 -15.16 -9.57 -25.56
N GLN A 119 -15.68 -9.05 -24.46
CA GLN A 119 -14.95 -8.06 -23.70
C GLN A 119 -15.70 -7.71 -22.42
N LEU A 120 -15.00 -7.72 -21.29
CA LEU A 120 -15.63 -7.37 -20.02
C LEU A 120 -15.25 -5.92 -19.78
N ASP A 121 -16.23 -5.09 -19.43
CA ASP A 121 -15.99 -3.68 -19.20
C ASP A 121 -15.62 -3.38 -17.76
N CYS A 122 -14.72 -2.43 -17.55
CA CYS A 122 -14.33 -2.07 -16.21
C CYS A 122 -14.63 -0.63 -15.92
N VAL A 123 -15.26 -0.36 -14.80
CA VAL A 123 -15.61 1.00 -14.42
C VAL A 123 -14.44 1.72 -13.79
N LEU A 124 -13.76 2.51 -14.60
CA LEU A 124 -12.61 3.25 -14.13
C LEU A 124 -13.03 4.21 -13.04
N PRO A 125 -12.30 4.24 -11.92
CA PRO A 125 -12.61 5.12 -10.79
C PRO A 125 -12.12 6.55 -10.99
N ASN A 126 -12.59 7.47 -10.13
CA ASN A 126 -12.14 8.88 -10.19
C ASN A 126 -10.95 8.88 -9.26
N ALA A 127 -9.77 9.16 -9.80
CA ALA A 127 -8.58 9.15 -8.98
C ALA A 127 -7.39 9.86 -9.57
N TYR A 128 -6.40 10.09 -8.71
CA TYR A 128 -5.15 10.72 -9.07
C TYR A 128 -4.11 10.22 -8.09
N PRO A 129 -2.94 9.79 -8.59
CA PRO A 129 -2.65 9.79 -10.03
C PRO A 129 -3.43 8.67 -10.71
N LYS A 130 -3.28 8.53 -12.02
CA LYS A 130 -3.97 7.48 -12.77
C LYS A 130 -3.66 6.16 -12.07
N PRO A 131 -4.70 5.38 -11.73
CA PRO A 131 -4.52 4.10 -11.05
C PRO A 131 -4.01 3.00 -11.96
N LEU A 132 -3.67 1.88 -11.33
CA LEU A 132 -3.19 0.72 -12.04
C LEU A 132 -4.34 -0.28 -12.17
N ILE A 133 -4.82 -0.54 -13.38
CA ILE A 133 -5.89 -1.51 -13.53
C ILE A 133 -5.31 -2.89 -13.77
N THR A 134 -5.77 -3.84 -12.98
CA THR A 134 -5.34 -5.22 -13.06
C THR A 134 -6.58 -6.08 -13.18
N TRP A 135 -6.46 -7.16 -13.93
CA TRP A 135 -7.57 -8.06 -14.11
C TRP A 135 -7.09 -9.41 -13.64
N LYS A 136 -7.93 -10.15 -12.92
CA LYS A 136 -7.53 -11.47 -12.45
C LYS A 136 -8.65 -12.49 -12.41
N LYS A 137 -8.28 -13.76 -12.56
CA LYS A 137 -9.24 -14.85 -12.47
C LYS A 137 -9.21 -15.14 -10.98
N ARG A 138 -10.28 -14.76 -10.29
CA ARG A 138 -10.35 -14.94 -8.84
C ARG A 138 -11.12 -16.14 -8.35
N LEU A 139 -10.39 -17.10 -7.79
CA LEU A 139 -10.98 -18.30 -7.22
C LEU A 139 -11.82 -17.82 -6.03
N SER A 140 -13.08 -18.27 -5.94
CA SER A 140 -13.96 -17.83 -4.85
C SER A 140 -13.72 -18.53 -3.54
N GLY A 141 -13.84 -17.77 -2.47
CA GLY A 141 -13.66 -18.33 -1.15
C GLY A 141 -12.23 -18.67 -0.77
N ALA A 142 -11.28 -18.31 -1.61
CA ALA A 142 -9.87 -18.58 -1.33
C ALA A 142 -9.32 -17.33 -0.67
N ASP A 143 -8.07 -17.40 -0.20
CA ASP A 143 -7.46 -16.25 0.46
C ASP A 143 -6.99 -15.27 -0.60
N PRO A 144 -7.09 -13.97 -0.31
CA PRO A 144 -6.67 -12.90 -1.24
C PRO A 144 -5.28 -13.04 -1.83
N ASN A 145 -4.35 -13.58 -1.06
CA ASN A 145 -2.96 -13.75 -1.49
C ASN A 145 -2.70 -15.09 -2.13
N ALA A 146 -3.75 -15.77 -2.53
CA ALA A 146 -3.61 -17.08 -3.14
C ALA A 146 -4.85 -17.40 -3.96
N ASP A 147 -5.29 -16.47 -4.79
CA ASP A 147 -6.49 -16.67 -5.59
C ASP A 147 -6.37 -16.39 -7.07
N VAL A 148 -5.25 -15.79 -7.49
CA VAL A 148 -5.05 -15.44 -8.91
C VAL A 148 -4.54 -16.57 -9.79
N THR A 149 -4.92 -16.53 -11.06
CA THR A 149 -4.48 -17.54 -12.00
C THR A 149 -4.27 -16.89 -13.35
N ASP A 150 -3.86 -17.68 -14.34
CA ASP A 150 -3.59 -17.14 -15.67
C ASP A 150 -4.72 -17.18 -16.72
N PHE A 151 -4.64 -16.19 -17.61
CA PHE A 151 -5.58 -16.01 -18.71
C PHE A 151 -4.96 -16.68 -19.95
N ASP A 152 -5.82 -17.15 -20.84
CA ASP A 152 -5.39 -17.77 -22.07
C ASP A 152 -4.67 -16.72 -22.93
N ARG A 153 -4.20 -17.09 -24.11
CA ARG A 153 -3.54 -16.09 -24.93
C ARG A 153 -4.62 -15.29 -25.64
N ARG A 154 -5.83 -15.84 -25.63
CA ARG A 154 -6.97 -15.19 -26.25
C ARG A 154 -7.40 -13.97 -25.46
N ILE A 155 -7.03 -13.93 -24.19
CA ILE A 155 -7.41 -12.82 -23.34
C ILE A 155 -6.28 -11.86 -22.97
N THR A 156 -6.52 -10.56 -23.20
CA THR A 156 -5.55 -9.51 -22.90
C THR A 156 -6.28 -8.24 -22.50
N ALA A 157 -5.71 -7.51 -21.56
CA ALA A 157 -6.31 -6.26 -21.11
C ALA A 157 -5.77 -5.13 -21.95
N GLY A 158 -6.66 -4.23 -22.36
CA GLY A 158 -6.26 -3.07 -23.16
C GLY A 158 -5.88 -1.90 -22.29
N PRO A 159 -5.26 -0.84 -22.84
CA PRO A 159 -4.91 0.29 -21.97
C PRO A 159 -6.09 1.09 -21.45
N ASP A 160 -7.30 0.69 -21.84
CA ASP A 160 -8.51 1.37 -21.41
C ASP A 160 -9.05 0.71 -20.15
N GLY A 161 -8.46 -0.42 -19.79
CA GLY A 161 -8.89 -1.11 -18.60
C GLY A 161 -9.90 -2.22 -18.81
N ASN A 162 -10.17 -2.61 -20.05
CA ASN A 162 -11.13 -3.67 -20.28
C ASN A 162 -10.44 -4.96 -20.68
N LEU A 163 -11.07 -6.09 -20.40
CA LEU A 163 -10.50 -7.36 -20.73
C LEU A 163 -11.05 -7.79 -22.08
N TYR A 164 -10.16 -8.14 -23.00
CA TYR A 164 -10.59 -8.54 -24.33
C TYR A 164 -10.31 -9.99 -24.69
N PHE A 165 -11.38 -10.69 -25.05
CA PHE A 165 -11.29 -12.06 -25.47
C PHE A 165 -11.35 -11.96 -26.98
N THR A 166 -10.35 -12.49 -27.68
CA THR A 166 -10.33 -12.47 -29.13
C THR A 166 -11.58 -13.21 -29.59
N ILE A 167 -11.85 -14.32 -28.92
CA ILE A 167 -13.01 -15.16 -29.16
C ILE A 167 -13.26 -15.78 -27.81
N VAL A 168 -14.52 -15.84 -27.40
CA VAL A 168 -14.86 -16.46 -26.11
C VAL A 168 -15.30 -17.90 -26.35
N THR A 169 -14.73 -18.85 -25.59
CA THR A 169 -15.08 -20.25 -25.76
C THR A 169 -15.71 -20.83 -24.52
N LYS A 170 -16.06 -22.11 -24.55
CA LYS A 170 -16.67 -22.69 -23.37
C LYS A 170 -15.65 -22.94 -22.28
N GLU A 171 -14.37 -22.81 -22.61
CA GLU A 171 -13.34 -23.01 -21.59
C GLU A 171 -13.24 -21.75 -20.75
N ASP A 172 -13.92 -20.70 -21.18
CA ASP A 172 -13.93 -19.43 -20.47
C ASP A 172 -15.04 -19.39 -19.42
N VAL A 173 -15.74 -20.51 -19.30
CA VAL A 173 -16.84 -20.69 -18.35
C VAL A 173 -16.30 -21.23 -17.04
N SER A 174 -16.95 -20.91 -15.94
CA SER A 174 -16.51 -21.39 -14.63
C SER A 174 -17.55 -21.02 -13.59
N ASP A 175 -17.78 -21.92 -12.64
CA ASP A 175 -18.76 -21.68 -11.59
C ASP A 175 -18.04 -21.27 -10.31
N ILE A 176 -16.71 -21.25 -10.33
CA ILE A 176 -15.98 -20.90 -9.13
C ILE A 176 -14.98 -19.75 -9.29
N TYR A 177 -14.64 -19.42 -10.54
CA TYR A 177 -13.73 -18.33 -10.82
C TYR A 177 -14.53 -17.09 -11.21
N LYS A 178 -14.07 -15.93 -10.77
CA LYS A 178 -14.74 -14.65 -11.07
C LYS A 178 -13.73 -13.82 -11.82
N TYR A 179 -14.18 -13.07 -12.83
CA TYR A 179 -13.29 -12.21 -13.58
C TYR A 179 -13.37 -10.87 -12.87
N VAL A 180 -12.36 -10.59 -12.06
CA VAL A 180 -12.34 -9.37 -11.27
C VAL A 180 -11.42 -8.29 -11.80
N CYS A 181 -11.87 -7.03 -11.68
CA CYS A 181 -11.10 -5.89 -12.11
C CYS A 181 -10.82 -5.04 -10.90
N THR A 182 -9.54 -4.83 -10.61
CA THR A 182 -9.14 -4.05 -9.45
C THR A 182 -8.25 -2.87 -9.82
N ALA A 183 -8.21 -1.88 -8.95
CA ALA A 183 -7.41 -0.70 -9.19
C ALA A 183 -6.73 -0.28 -7.91
N LYS A 184 -5.51 0.22 -8.04
CA LYS A 184 -4.77 0.68 -6.89
C LYS A 184 -3.91 1.86 -7.29
N ASN A 185 -3.59 2.69 -6.32
CA ASN A 185 -2.75 3.84 -6.55
C ASN A 185 -2.23 4.31 -5.22
N ALA A 186 -1.51 5.42 -5.22
CA ALA A 186 -0.90 5.96 -4.01
C ALA A 186 -1.83 6.32 -2.86
N ALA A 187 -3.13 6.34 -3.13
CA ALA A 187 -4.11 6.69 -2.10
C ALA A 187 -4.59 5.54 -1.24
N VAL A 188 -4.36 4.31 -1.67
CA VAL A 188 -4.80 3.14 -0.92
C VAL A 188 -3.63 2.18 -0.70
N ASP A 189 -3.72 1.35 0.34
CA ASP A 189 -2.64 0.40 0.67
C ASP A 189 -2.74 -0.96 0.01
N GLU A 190 -3.96 -1.36 -0.34
CA GLU A 190 -4.17 -2.62 -1.04
C GLU A 190 -5.22 -2.33 -2.10
N GLU A 191 -5.10 -2.99 -3.24
CA GLU A 191 -6.02 -2.73 -4.33
C GLU A 191 -7.50 -2.77 -3.97
N VAL A 192 -8.27 -1.97 -4.71
CA VAL A 192 -9.71 -1.83 -4.53
C VAL A 192 -10.38 -2.58 -5.68
N VAL A 193 -11.49 -3.25 -5.43
CA VAL A 193 -12.19 -3.98 -6.50
C VAL A 193 -13.28 -3.12 -7.12
N LEU A 194 -13.21 -2.95 -8.44
CA LEU A 194 -14.15 -2.12 -9.19
C LEU A 194 -15.41 -2.81 -9.69
N VAL A 195 -15.27 -4.07 -10.09
CA VAL A 195 -16.41 -4.81 -10.63
C VAL A 195 -16.02 -6.28 -10.77
N GLU A 196 -16.99 -7.18 -10.62
CA GLU A 196 -16.72 -8.60 -10.75
C GLU A 196 -17.64 -9.18 -11.79
N TYR A 197 -17.15 -10.20 -12.51
CA TYR A 197 -17.93 -10.86 -13.54
C TYR A 197 -17.89 -12.36 -13.40
N GLU A 198 -18.96 -13.01 -13.83
CA GLU A 198 -19.05 -14.46 -13.81
C GLU A 198 -19.58 -14.95 -15.15
N ILE A 199 -18.77 -15.70 -15.88
CA ILE A 199 -19.24 -16.25 -17.13
C ILE A 199 -19.80 -17.59 -16.69
N LYS A 200 -21.12 -17.74 -16.75
CA LYS A 200 -21.77 -18.99 -16.33
C LYS A 200 -22.09 -19.98 -17.48
N GLY A 201 -22.10 -19.49 -18.71
CA GLY A 201 -22.38 -20.34 -19.86
C GLY A 201 -22.17 -19.58 -21.15
N VAL A 202 -22.41 -20.24 -22.29
CA VAL A 202 -22.23 -19.62 -23.59
C VAL A 202 -23.30 -20.03 -24.60
N THR A 203 -23.91 -19.06 -25.27
CA THR A 203 -24.94 -19.31 -26.29
C THR A 203 -24.30 -19.72 -27.61
N LYS A 204 -25.04 -20.48 -28.42
CA LYS A 204 -24.53 -20.90 -29.72
C LYS A 204 -24.82 -19.76 -30.71
N ASP A 205 -23.98 -19.64 -31.74
CA ASP A 205 -24.18 -18.57 -32.71
C ASP A 205 -25.01 -19.03 -33.92
N ASN A 206 -26.19 -18.40 -34.04
CA ASN A 206 -27.12 -18.71 -35.13
C ASN A 206 -26.71 -17.93 -36.39
N SER A 207 -26.50 -16.62 -36.22
CA SER A 207 -26.10 -15.72 -37.32
C SER A 207 -24.61 -15.78 -37.67
N GLY A 208 -24.15 -17.02 -37.91
CA GLY A 208 -22.78 -17.34 -38.27
C GLY A 208 -21.74 -16.26 -38.45
N TYR A 209 -21.07 -15.91 -37.35
CA TYR A 209 -20.02 -14.91 -37.40
C TYR A 209 -18.98 -15.58 -38.28
N LYS A 210 -18.54 -14.89 -39.34
CA LYS A 210 -17.53 -15.46 -40.25
C LYS A 210 -16.18 -15.72 -39.55
N GLY A 211 -15.67 -14.69 -38.89
CA GLY A 211 -14.38 -14.80 -38.25
C GLY A 211 -13.49 -13.63 -38.65
N GLU A 212 -14.00 -12.75 -39.52
CA GLU A 212 -13.23 -11.60 -39.97
C GLU A 212 -12.80 -10.72 -38.81
N PRO A 213 -11.51 -10.37 -38.76
CA PRO A 213 -10.99 -9.54 -37.68
C PRO A 213 -11.72 -8.21 -37.56
N VAL A 214 -12.22 -7.92 -36.37
CA VAL A 214 -12.92 -6.66 -36.13
C VAL A 214 -12.24 -5.89 -35.00
N PRO A 215 -12.01 -4.58 -35.19
CA PRO A 215 -11.36 -3.80 -34.14
C PRO A 215 -12.04 -3.91 -32.78
N GLN A 216 -11.27 -4.26 -31.76
CA GLN A 216 -11.81 -4.36 -30.41
C GLN A 216 -11.21 -3.14 -29.70
N TYR A 217 -9.92 -2.93 -29.94
CA TYR A 217 -9.19 -1.80 -29.41
C TYR A 217 -7.98 -1.62 -30.27
N VAL A 218 -7.65 -0.36 -30.53
CA VAL A 218 -6.52 -0.01 -31.36
C VAL A 218 -5.99 1.35 -30.87
N SER A 219 -4.68 1.44 -30.64
CA SER A 219 -4.10 2.68 -30.16
C SER A 219 -4.22 3.77 -31.21
N LYS A 220 -4.45 5.01 -30.76
CA LYS A 220 -4.55 6.17 -31.66
C LYS A 220 -3.21 6.89 -31.62
N ASP A 221 -3.12 8.04 -32.30
CA ASP A 221 -1.89 8.81 -32.29
C ASP A 221 -1.50 9.02 -30.84
N MET A 222 -0.22 9.09 -30.54
CA MET A 222 0.16 9.29 -29.17
C MET A 222 1.50 9.97 -28.97
N MET A 223 1.70 10.45 -27.76
CA MET A 223 2.92 11.13 -27.36
C MET A 223 3.63 10.11 -26.49
N ALA A 224 4.94 10.27 -26.34
CA ALA A 224 5.71 9.35 -25.50
C ALA A 224 6.94 10.09 -25.05
N LYS A 225 7.35 9.86 -23.81
CA LYS A 225 8.54 10.50 -23.27
C LYS A 225 9.74 9.61 -23.56
N ALA A 226 10.82 10.21 -24.02
CA ALA A 226 12.02 9.46 -24.31
C ALA A 226 12.57 8.79 -23.04
N GLY A 227 12.85 7.50 -23.10
CA GLY A 227 13.37 6.79 -21.94
C GLY A 227 12.31 5.98 -21.23
N ASP A 228 11.05 6.32 -21.54
CA ASP A 228 9.86 5.68 -20.98
C ASP A 228 9.57 4.40 -21.74
N VAL A 229 8.53 3.69 -21.33
CA VAL A 229 8.14 2.48 -22.02
C VAL A 229 6.85 2.76 -22.76
N THR A 230 6.84 2.51 -24.07
CA THR A 230 5.64 2.74 -24.85
C THR A 230 5.02 1.44 -25.31
N MET A 231 3.71 1.44 -25.50
CA MET A 231 3.01 0.25 -25.93
C MET A 231 1.97 0.65 -26.95
N ILE A 232 2.04 0.05 -28.13
CA ILE A 232 1.05 0.34 -29.16
C ILE A 232 0.20 -0.90 -29.23
N TYR A 233 -1.11 -0.73 -29.12
CA TYR A 233 -2.00 -1.88 -29.13
C TYR A 233 -2.79 -2.09 -30.40
N CYS A 234 -2.98 -3.34 -30.79
CA CYS A 234 -3.76 -3.69 -31.97
C CYS A 234 -4.53 -4.96 -31.69
N MET A 235 -5.60 -4.80 -30.91
CA MET A 235 -6.46 -5.90 -30.53
C MET A 235 -7.69 -6.05 -31.40
N TYR A 236 -7.69 -7.13 -32.19
CA TYR A 236 -8.79 -7.45 -33.09
C TYR A 236 -9.47 -8.76 -32.69
N GLY A 237 -10.77 -8.85 -32.93
CA GLY A 237 -11.50 -10.06 -32.62
C GLY A 237 -11.61 -10.86 -33.91
N SER A 238 -10.91 -11.99 -33.96
CA SER A 238 -10.90 -12.83 -35.16
C SER A 238 -11.02 -14.33 -34.88
N ASN A 239 -11.45 -15.07 -35.90
CA ASN A 239 -11.60 -16.53 -35.82
C ASN A 239 -11.14 -17.11 -37.15
N PRO A 240 -9.98 -17.80 -37.17
CA PRO A 240 -9.16 -18.03 -35.97
C PRO A 240 -8.30 -16.83 -35.58
N MET A 241 -7.76 -16.92 -34.37
CA MET A 241 -6.90 -15.89 -33.78
C MET A 241 -5.77 -15.54 -34.73
N GLY A 242 -5.64 -14.25 -35.03
CA GLY A 242 -4.58 -13.79 -35.93
C GLY A 242 -3.41 -13.11 -35.20
N TYR A 243 -2.26 -13.08 -35.86
CA TYR A 243 -1.05 -12.45 -35.30
C TYR A 243 -0.77 -11.15 -36.06
N PRO A 244 -1.01 -9.98 -35.44
CA PRO A 244 -0.74 -8.74 -36.14
C PRO A 244 0.71 -8.57 -36.54
N ASN A 245 0.93 -7.86 -37.64
CA ASN A 245 2.26 -7.56 -38.16
C ASN A 245 2.46 -6.09 -37.93
N TYR A 246 3.66 -5.68 -37.55
CA TYR A 246 3.88 -4.27 -37.32
C TYR A 246 4.92 -3.68 -38.25
N PHE A 247 4.62 -2.50 -38.77
CA PHE A 247 5.51 -1.77 -39.68
C PHE A 247 5.74 -0.32 -39.24
N LYS A 248 6.98 0.14 -39.29
CA LYS A 248 7.30 1.53 -38.95
C LYS A 248 7.64 2.23 -40.25
N ASN A 249 6.71 3.05 -40.74
CA ASN A 249 6.89 3.78 -41.99
C ASN A 249 7.06 2.84 -43.17
N GLY A 250 6.58 1.62 -43.03
CA GLY A 250 6.71 0.65 -44.10
C GLY A 250 7.63 -0.52 -43.83
N LYS A 251 8.70 -0.30 -43.08
CA LYS A 251 9.65 -1.37 -42.77
C LYS A 251 9.09 -2.33 -41.69
N ASP A 252 9.50 -3.59 -41.72
CA ASP A 252 9.06 -4.59 -40.74
C ASP A 252 9.57 -4.20 -39.37
N VAL A 253 8.81 -4.49 -38.32
CA VAL A 253 9.23 -4.12 -36.98
C VAL A 253 8.93 -5.11 -35.86
N ASN A 254 8.50 -6.33 -36.20
CA ASN A 254 8.17 -7.36 -35.19
C ASN A 254 9.36 -7.80 -34.29
N GLY A 255 10.58 -7.75 -34.83
CA GLY A 255 11.76 -8.14 -34.05
C GLY A 255 11.67 -9.52 -33.39
N ASN A 256 12.32 -9.67 -32.23
CA ASN A 256 12.35 -10.92 -31.46
C ASN A 256 11.92 -10.69 -30.03
N PRO A 257 11.74 -11.79 -29.27
CA PRO A 257 11.33 -11.67 -27.87
C PRO A 257 12.26 -10.85 -27.00
N GLU A 258 13.43 -10.49 -27.51
CA GLU A 258 14.32 -9.70 -26.68
C GLU A 258 15.03 -8.53 -27.32
N ASP A 259 14.39 -7.89 -28.28
CA ASP A 259 14.98 -6.73 -28.89
C ASP A 259 14.41 -5.54 -28.15
N ARG A 260 14.83 -4.33 -28.49
CA ARG A 260 14.30 -3.16 -27.79
C ARG A 260 12.81 -3.04 -28.11
N ILE A 261 12.46 -3.13 -29.40
CA ILE A 261 11.08 -3.04 -29.86
C ILE A 261 10.67 -4.39 -30.40
N THR A 262 9.57 -4.94 -29.88
CA THR A 262 9.07 -6.25 -30.32
C THR A 262 7.60 -6.52 -30.04
N ARG A 263 6.97 -7.34 -30.87
CA ARG A 263 5.56 -7.73 -30.73
C ARG A 263 5.49 -9.03 -29.94
N HIS A 264 6.65 -9.57 -29.59
CA HIS A 264 6.73 -10.80 -28.84
C HIS A 264 6.93 -10.48 -27.36
N ASN A 265 5.81 -10.22 -26.68
CA ASN A 265 5.82 -9.89 -25.25
C ASN A 265 4.73 -10.63 -24.48
N ARG A 266 4.41 -11.85 -24.93
CA ARG A 266 3.39 -12.70 -24.31
C ARG A 266 1.99 -12.13 -24.45
N THR A 267 1.69 -11.50 -25.58
CA THR A 267 0.38 -10.92 -25.79
C THR A 267 -0.13 -11.33 -27.14
N SER A 268 0.55 -12.30 -27.74
CA SER A 268 0.18 -12.83 -29.05
C SER A 268 0.13 -11.78 -30.14
N GLY A 269 1.08 -10.85 -30.11
CA GLY A 269 1.14 -9.81 -31.11
C GLY A 269 0.08 -8.75 -31.01
N LYS A 270 -0.64 -8.73 -29.89
CA LYS A 270 -1.69 -7.74 -29.66
C LYS A 270 -1.06 -6.43 -29.22
N ARG A 271 0.24 -6.46 -28.97
CA ARG A 271 0.95 -5.28 -28.51
C ARG A 271 2.40 -5.21 -29.00
N LEU A 272 2.79 -4.03 -29.46
CA LEU A 272 4.15 -3.77 -29.93
C LEU A 272 4.76 -3.03 -28.75
N LEU A 273 5.76 -3.62 -28.11
CA LEU A 273 6.37 -3.02 -26.95
C LEU A 273 7.76 -2.46 -27.13
N PHE A 274 7.95 -1.22 -26.69
CA PHE A 274 9.24 -0.57 -26.74
C PHE A 274 9.76 -0.66 -25.31
N LYS A 275 10.70 -1.56 -25.05
CA LYS A 275 11.26 -1.71 -23.70
C LYS A 275 11.78 -0.37 -23.19
N THR A 276 12.14 0.51 -24.12
CA THR A 276 12.65 1.85 -23.80
C THR A 276 12.52 2.67 -25.07
N THR A 277 11.81 3.79 -24.99
CA THR A 277 11.58 4.68 -26.13
C THR A 277 12.72 5.67 -26.39
N LEU A 278 13.08 5.86 -27.65
CA LEU A 278 14.13 6.78 -28.05
C LEU A 278 13.56 7.72 -29.10
N PRO A 279 14.18 8.88 -29.28
CA PRO A 279 13.72 9.87 -30.26
C PRO A 279 13.59 9.31 -31.67
N GLU A 280 14.46 8.36 -32.00
CA GLU A 280 14.46 7.75 -33.32
C GLU A 280 13.25 6.86 -33.59
N ASP A 281 12.43 6.64 -32.58
CA ASP A 281 11.28 5.79 -32.75
C ASP A 281 10.10 6.57 -33.31
N GLU A 282 10.26 7.87 -33.46
CA GLU A 282 9.21 8.70 -34.02
C GLU A 282 8.90 8.20 -35.43
N GLY A 283 7.64 8.13 -35.80
CA GLY A 283 7.30 7.67 -37.13
C GLY A 283 5.87 7.20 -37.16
N VAL A 284 5.41 6.74 -38.33
CA VAL A 284 4.05 6.23 -38.44
C VAL A 284 4.06 4.73 -38.39
N TYR A 285 3.44 4.18 -37.35
CA TYR A 285 3.40 2.74 -37.19
C TYR A 285 2.12 2.19 -37.77
N THR A 286 2.23 1.10 -38.50
CA THR A 286 1.08 0.47 -39.10
C THR A 286 1.02 -0.98 -38.66
N CYS A 287 -0.19 -1.50 -38.54
CA CYS A 287 -0.39 -2.88 -38.12
C CYS A 287 -1.44 -3.51 -39.01
N GLU A 288 -1.26 -4.78 -39.34
CA GLU A 288 -2.15 -5.53 -40.22
C GLU A 288 -2.55 -6.85 -39.60
N VAL A 289 -3.85 -7.17 -39.62
CA VAL A 289 -4.32 -8.41 -39.08
C VAL A 289 -4.99 -9.22 -40.18
N ASP A 290 -4.41 -10.35 -40.52
CA ASP A 290 -4.98 -11.22 -41.54
C ASP A 290 -5.14 -12.62 -40.97
N ASN A 291 -6.36 -13.14 -41.06
CA ASN A 291 -6.67 -14.47 -40.53
C ASN A 291 -7.34 -15.29 -41.62
N GLY A 292 -7.06 -14.99 -42.87
CA GLY A 292 -7.70 -15.73 -43.94
C GLY A 292 -9.13 -15.23 -44.13
N VAL A 293 -9.99 -15.52 -43.17
CA VAL A 293 -11.38 -15.10 -43.23
C VAL A 293 -11.56 -13.62 -43.56
N GLY A 294 -12.32 -13.33 -44.61
CA GLY A 294 -12.58 -11.95 -44.98
C GLY A 294 -11.41 -11.09 -45.43
N LYS A 295 -11.63 -9.77 -45.44
CA LYS A 295 -10.61 -8.79 -45.84
C LYS A 295 -9.66 -8.48 -44.67
N PRO A 296 -8.35 -8.38 -44.95
CA PRO A 296 -7.38 -8.09 -43.88
C PRO A 296 -7.56 -6.67 -43.43
N GLN A 297 -7.28 -6.40 -42.15
CA GLN A 297 -7.42 -5.06 -41.59
C GLN A 297 -6.10 -4.34 -41.35
N LYS A 298 -6.11 -3.03 -41.49
CA LYS A 298 -4.92 -2.19 -41.32
C LYS A 298 -5.20 -1.02 -40.37
N HIS A 299 -4.18 -0.53 -39.66
CA HIS A 299 -4.35 0.62 -38.77
C HIS A 299 -3.07 1.42 -38.66
N SER A 300 -3.23 2.74 -38.63
CA SER A 300 -2.10 3.63 -38.58
C SER A 300 -2.05 4.45 -37.32
N LEU A 301 -0.81 4.50 -36.82
CA LEU A 301 -0.58 5.25 -35.63
C LEU A 301 0.73 6.00 -35.75
N LYS A 302 0.75 7.24 -35.25
CA LYS A 302 1.96 8.03 -35.26
C LYS A 302 2.49 8.18 -33.83
N LEU A 303 3.67 7.63 -33.57
CA LEU A 303 4.30 7.71 -32.26
C LEU A 303 5.21 8.92 -32.25
N THR A 304 4.93 9.86 -31.36
CA THR A 304 5.73 11.07 -31.25
C THR A 304 6.44 11.05 -29.91
N VAL A 305 7.76 11.15 -29.93
CA VAL A 305 8.54 11.14 -28.72
C VAL A 305 8.85 12.57 -28.30
N VAL A 306 8.51 12.93 -27.06
CA VAL A 306 8.77 14.26 -26.53
C VAL A 306 9.64 14.06 -25.31
N SER A 307 9.98 15.12 -24.59
CA SER A 307 10.83 14.96 -23.41
C SER A 307 10.88 16.18 -22.50
N ALA A 308 11.00 15.95 -21.20
CA ALA A 308 11.08 17.03 -20.22
C ALA A 308 12.48 17.63 -20.33
N PRO A 309 12.71 18.83 -19.77
CA PRO A 309 14.06 19.38 -19.88
C PRO A 309 15.09 18.39 -19.33
N LYS A 310 16.23 18.30 -20.02
CA LYS A 310 17.31 17.44 -19.59
C LYS A 310 18.55 18.32 -19.45
N TYR A 311 19.22 18.23 -18.31
CA TYR A 311 20.41 19.03 -18.06
C TYR A 311 21.68 18.36 -18.56
N GLU A 312 22.15 18.78 -19.73
CA GLU A 312 23.37 18.21 -20.30
C GLU A 312 24.56 18.68 -19.45
N GLN A 313 24.32 19.69 -18.62
CA GLN A 313 25.36 20.25 -17.76
C GLN A 313 24.73 20.84 -16.50
N LYS A 314 24.61 20.01 -15.47
CA LYS A 314 24.03 20.42 -14.19
C LYS A 314 24.90 21.50 -13.51
N PRO A 315 24.31 22.65 -13.16
CA PRO A 315 25.06 23.73 -12.52
C PRO A 315 25.86 23.14 -11.37
N GLU A 316 27.04 23.69 -11.09
CA GLU A 316 27.85 23.15 -10.00
C GLU A 316 27.21 23.47 -8.64
N LYS A 317 27.38 22.56 -7.69
CA LYS A 317 26.80 22.79 -6.37
C LYS A 317 27.38 24.04 -5.74
N VAL A 318 28.67 24.24 -5.98
CA VAL A 318 29.39 25.41 -5.44
C VAL A 318 30.60 25.80 -6.31
N ILE A 319 30.86 27.10 -6.36
CA ILE A 319 31.99 27.66 -7.10
C ILE A 319 32.59 28.75 -6.23
N VAL A 320 33.87 28.61 -5.91
CA VAL A 320 34.59 29.60 -5.09
C VAL A 320 35.56 30.33 -6.02
N VAL A 321 35.43 31.65 -6.07
CA VAL A 321 36.28 32.46 -6.92
C VAL A 321 36.85 33.62 -6.13
N LYS A 322 37.90 34.25 -6.66
CA LYS A 322 38.53 35.38 -6.00
C LYS A 322 38.07 36.67 -6.65
N GLN A 323 37.76 37.67 -5.81
CA GLN A 323 37.34 38.97 -6.29
C GLN A 323 38.27 39.35 -7.44
N GLY A 324 37.70 39.58 -8.61
CA GLY A 324 38.52 39.91 -9.76
C GLY A 324 38.36 38.91 -10.89
N GLN A 325 38.69 37.63 -10.62
CA GLN A 325 38.56 36.61 -11.66
C GLN A 325 37.14 36.62 -12.24
N ASP A 326 36.97 36.07 -13.43
CA ASP A 326 35.65 35.98 -14.05
C ASP A 326 35.14 34.56 -13.85
N VAL A 327 33.91 34.45 -13.37
CA VAL A 327 33.32 33.15 -13.12
C VAL A 327 32.34 32.80 -14.24
N THR A 328 32.24 31.51 -14.52
CA THR A 328 31.33 31.02 -15.54
C THR A 328 30.48 29.91 -14.94
N ILE A 329 29.26 30.23 -14.52
CA ILE A 329 28.40 29.20 -13.97
C ILE A 329 27.88 28.42 -15.17
N PRO A 330 28.34 27.18 -15.32
CA PRO A 330 27.90 26.36 -16.45
C PRO A 330 26.44 25.92 -16.39
N CYS A 331 25.86 25.65 -17.55
CA CYS A 331 24.48 25.22 -17.63
C CYS A 331 23.97 25.07 -19.05
N LYS A 332 23.73 23.83 -19.46
CA LYS A 332 23.22 23.55 -20.79
C LYS A 332 22.00 22.66 -20.62
N VAL A 333 20.90 23.01 -21.28
CA VAL A 333 19.68 22.20 -21.17
C VAL A 333 19.13 21.86 -22.55
N THR A 334 18.60 20.65 -22.70
CA THR A 334 18.03 20.23 -23.98
C THR A 334 16.59 19.80 -23.67
N GLY A 335 15.82 19.53 -24.72
CA GLY A 335 14.44 19.11 -24.51
C GLY A 335 13.62 19.22 -25.78
N LEU A 336 12.43 18.61 -25.76
CA LEU A 336 11.55 18.66 -26.92
C LEU A 336 10.09 18.77 -26.49
N PRO A 337 9.44 19.92 -26.78
CA PRO A 337 10.00 21.07 -27.48
C PRO A 337 11.16 21.63 -26.67
N ALA A 338 11.89 22.60 -27.21
CA ALA A 338 13.02 23.19 -26.51
C ALA A 338 12.61 23.85 -25.20
N PRO A 339 13.33 23.53 -24.12
CA PRO A 339 12.95 24.15 -22.85
C PRO A 339 13.35 25.61 -22.88
N ASN A 340 12.82 26.41 -21.97
CA ASN A 340 13.22 27.80 -21.95
C ASN A 340 13.82 28.11 -20.59
N VAL A 341 15.10 28.52 -20.64
CA VAL A 341 15.87 28.83 -19.44
C VAL A 341 15.64 30.22 -18.88
N VAL A 342 15.49 30.29 -17.56
CA VAL A 342 15.28 31.54 -16.85
C VAL A 342 16.29 31.56 -15.70
N TRP A 343 17.12 32.59 -15.68
CA TRP A 343 18.16 32.72 -14.64
C TRP A 343 17.75 33.58 -13.47
N SER A 344 18.32 33.28 -12.32
CA SER A 344 18.02 34.02 -11.12
C SER A 344 19.27 34.17 -10.28
N HIS A 345 19.28 35.20 -9.45
CA HIS A 345 20.40 35.46 -8.56
C HIS A 345 19.77 35.79 -7.23
N ASN A 346 20.02 34.96 -6.23
CA ASN A 346 19.43 35.19 -4.94
C ASN A 346 17.92 35.34 -5.00
N ALA A 347 17.29 34.42 -5.74
CA ALA A 347 15.84 34.36 -5.91
C ALA A 347 15.17 35.45 -6.75
N LYS A 348 15.93 36.16 -7.58
CA LYS A 348 15.35 37.22 -8.41
C LYS A 348 16.01 37.25 -9.78
N PRO A 349 15.37 37.93 -10.74
CA PRO A 349 15.88 38.04 -12.11
C PRO A 349 17.24 38.77 -12.21
N LEU A 350 18.01 38.48 -13.27
CA LEU A 350 19.32 39.11 -13.45
C LEU A 350 19.22 40.64 -13.55
N SER A 351 20.29 41.32 -13.99
CA SER A 351 20.24 42.79 -14.12
C SER A 351 21.22 43.46 -15.10
N GLY A 352 21.48 42.82 -16.25
CA GLY A 352 22.35 43.39 -17.28
C GLY A 352 23.78 43.66 -16.85
N GLY A 353 23.97 44.14 -15.63
CA GLY A 353 25.29 44.43 -15.13
C GLY A 353 26.19 43.19 -15.08
N ARG A 354 27.22 43.20 -15.93
CA ARG A 354 28.24 42.14 -16.07
C ARG A 354 27.77 40.71 -16.38
N ALA A 355 26.61 40.31 -15.90
CA ALA A 355 26.13 38.96 -16.18
C ALA A 355 25.78 38.83 -17.68
N THR A 356 26.54 37.98 -18.36
CA THR A 356 26.35 37.70 -19.79
C THR A 356 25.80 36.27 -19.92
N VAL A 357 24.65 36.14 -20.59
CA VAL A 357 24.03 34.83 -20.75
C VAL A 357 24.35 34.12 -22.07
N THR A 358 25.15 33.06 -21.97
CA THR A 358 25.52 32.25 -23.12
C THR A 358 24.62 31.01 -23.06
N ASP A 359 24.71 30.13 -24.05
CA ASP A 359 23.87 28.93 -24.01
C ASP A 359 24.46 27.79 -23.20
N SER A 360 25.74 27.91 -22.84
CA SER A 360 26.42 26.91 -22.03
C SER A 360 26.59 27.37 -20.57
N GLY A 361 25.99 28.51 -20.24
CA GLY A 361 26.10 29.03 -18.89
C GLY A 361 26.02 30.54 -18.77
N LEU A 362 26.26 31.02 -17.55
CA LEU A 362 26.21 32.44 -17.23
C LEU A 362 27.63 32.92 -17.00
N VAL A 363 27.96 34.08 -17.55
CA VAL A 363 29.32 34.60 -17.38
C VAL A 363 29.39 36.00 -16.76
N ILE A 364 29.96 36.07 -15.58
CA ILE A 364 30.15 37.34 -14.88
C ILE A 364 31.63 37.65 -15.03
N LYS A 365 31.94 38.82 -15.58
CA LYS A 365 33.34 39.20 -15.79
C LYS A 365 34.01 39.85 -14.58
N GLY A 366 33.70 41.11 -14.31
CA GLY A 366 34.31 41.77 -13.17
C GLY A 366 33.67 41.34 -11.86
N VAL A 367 34.06 40.17 -11.35
CA VAL A 367 33.45 39.70 -10.10
C VAL A 367 33.78 40.59 -8.90
N LYS A 368 32.74 41.27 -8.43
CA LYS A 368 32.82 42.13 -7.26
C LYS A 368 32.22 41.34 -6.07
N ASN A 369 31.90 42.04 -4.98
CA ASN A 369 31.35 41.36 -3.82
C ASN A 369 29.86 41.11 -3.94
N GLY A 370 29.13 42.10 -4.44
CA GLY A 370 27.68 41.97 -4.58
C GLY A 370 27.27 40.95 -5.62
N ASP A 371 28.22 40.17 -6.12
CA ASP A 371 27.96 39.15 -7.13
C ASP A 371 27.81 37.79 -6.46
N LYS A 372 28.31 37.69 -5.24
CA LYS A 372 28.21 36.43 -4.51
C LYS A 372 26.75 36.06 -4.33
N GLY A 373 26.50 34.77 -4.18
CA GLY A 373 25.14 34.28 -4.01
C GLY A 373 24.77 33.06 -4.85
N TYR A 374 23.49 32.71 -4.83
CA TYR A 374 22.99 31.55 -5.55
C TYR A 374 22.45 31.95 -6.92
N TYR A 375 22.91 31.26 -7.96
CA TYR A 375 22.46 31.51 -9.32
C TYR A 375 21.64 30.30 -9.76
N GLY A 376 20.37 30.54 -10.09
CA GLY A 376 19.51 29.45 -10.49
C GLY A 376 19.15 29.36 -11.96
N CYS A 377 19.25 28.15 -12.49
CA CYS A 377 18.93 27.87 -13.88
C CYS A 377 17.62 27.09 -13.91
N ARG A 378 16.56 27.70 -14.45
CA ARG A 378 15.27 27.06 -14.54
C ARG A 378 14.98 26.63 -15.96
N ALA A 379 14.87 25.34 -16.19
CA ALA A 379 14.56 24.82 -17.51
C ALA A 379 13.08 24.40 -17.48
N THR A 380 12.31 24.77 -18.51
CA THR A 380 10.89 24.44 -18.54
C THR A 380 10.28 24.26 -19.92
N ASN A 381 9.24 23.44 -20.00
CA ASN A 381 8.48 23.22 -21.22
C ASN A 381 7.22 22.51 -20.74
N GLU A 382 6.29 22.19 -21.65
CA GLU A 382 5.04 21.56 -21.24
C GLU A 382 5.16 20.16 -20.67
N HIS A 383 6.37 19.64 -20.56
CA HIS A 383 6.54 18.29 -20.05
C HIS A 383 7.35 18.22 -18.77
N GLY A 384 7.71 19.38 -18.23
CA GLY A 384 8.48 19.39 -16.99
C GLY A 384 9.11 20.72 -16.63
N ASP A 385 9.30 20.90 -15.33
CA ASP A 385 9.91 22.11 -14.83
C ASP A 385 11.00 21.66 -13.87
N LYS A 386 12.25 21.98 -14.21
CA LYS A 386 13.35 21.60 -13.37
C LYS A 386 14.12 22.86 -12.92
N TYR A 387 14.83 22.75 -11.80
CA TYR A 387 15.62 23.86 -11.26
C TYR A 387 16.82 23.38 -10.43
N PHE A 388 17.99 23.92 -10.74
CA PHE A 388 19.25 23.60 -10.06
C PHE A 388 20.02 24.91 -9.93
N GLU A 389 20.52 25.19 -8.74
CA GLU A 389 21.23 26.45 -8.56
C GLU A 389 22.62 26.30 -7.98
N THR A 390 23.51 27.15 -8.44
CA THR A 390 24.88 27.11 -7.99
C THR A 390 25.18 28.32 -7.10
N LEU A 391 25.85 28.05 -5.98
CA LEU A 391 26.21 29.08 -5.02
C LEU A 391 27.56 29.62 -5.42
N VAL A 392 27.62 30.89 -5.80
CA VAL A 392 28.89 31.51 -6.18
C VAL A 392 29.46 32.25 -4.97
N GLN A 393 30.40 31.60 -4.28
CA GLN A 393 31.05 32.18 -3.12
C GLN A 393 32.38 32.80 -3.56
N VAL A 394 32.44 34.12 -3.50
CA VAL A 394 33.63 34.86 -3.86
C VAL A 394 34.26 35.37 -2.57
N ASN A 395 35.52 35.78 -2.66
CA ASN A 395 36.27 36.32 -1.52
C ASN A 395 37.67 36.71 -2.00
N LYS B 5 -24.48 19.00 24.48
CA LYS B 5 -23.09 19.00 23.97
C LYS B 5 -22.09 19.55 25.00
N TYR B 6 -21.49 18.61 25.74
CA TYR B 6 -20.47 18.92 26.74
C TYR B 6 -19.14 18.38 26.20
N PRO B 7 -18.02 18.75 26.84
CA PRO B 7 -16.71 18.27 26.38
C PRO B 7 -16.56 16.77 26.67
N VAL B 8 -16.35 15.99 25.62
CA VAL B 8 -16.19 14.54 25.73
C VAL B 8 -15.14 14.11 24.69
N LEU B 9 -14.19 13.25 25.06
CA LEU B 9 -13.17 12.80 24.10
C LEU B 9 -13.71 11.77 23.11
N LYS B 10 -13.26 11.84 21.87
CA LYS B 10 -13.69 10.87 20.85
C LYS B 10 -12.85 9.63 21.09
N ASP B 11 -13.39 8.45 20.77
CA ASP B 11 -12.66 7.19 20.99
C ASP B 11 -11.38 7.14 20.16
N GLN B 12 -10.43 6.29 20.54
CA GLN B 12 -9.18 6.18 19.83
C GLN B 12 -8.68 4.74 19.76
N PRO B 13 -7.86 4.42 18.74
CA PRO B 13 -7.28 3.10 18.52
C PRO B 13 -6.28 2.64 19.58
N ALA B 14 -6.22 1.32 19.75
CA ALA B 14 -5.34 0.70 20.75
C ALA B 14 -3.86 0.85 20.47
N GLU B 15 -3.49 0.86 19.19
CA GLU B 15 -2.10 0.98 18.81
C GLU B 15 -1.99 1.74 17.53
N VAL B 16 -0.96 2.56 17.42
CA VAL B 16 -0.69 3.38 16.23
C VAL B 16 0.74 3.09 15.78
N LEU B 17 0.91 2.54 14.57
CA LEU B 17 2.24 2.23 14.07
C LEU B 17 2.80 3.43 13.30
N PHE B 18 4.14 3.49 13.18
CA PHE B 18 4.77 4.58 12.46
C PHE B 18 5.97 4.07 11.70
N ARG B 19 6.20 4.61 10.51
CA ARG B 19 7.34 4.23 9.69
C ARG B 19 8.40 5.23 10.07
N GLU B 20 9.56 4.76 10.49
CA GLU B 20 10.62 5.67 10.90
C GLU B 20 10.75 6.91 10.02
N ASN B 21 10.91 8.08 10.65
CA ASN B 21 11.07 9.35 9.94
C ASN B 21 9.82 9.93 9.30
N ASN B 22 8.77 9.14 9.19
CA ASN B 22 7.54 9.58 8.54
C ASN B 22 6.56 10.23 9.50
N PRO B 23 6.02 11.42 9.14
CA PRO B 23 5.06 12.09 10.01
C PRO B 23 3.84 11.25 10.34
N THR B 24 3.57 11.09 11.62
CA THR B 24 2.46 10.28 12.09
C THR B 24 1.75 11.00 13.23
N VAL B 25 0.44 10.86 13.31
CA VAL B 25 -0.30 11.52 14.37
C VAL B 25 -1.00 10.57 15.33
N LEU B 26 -0.99 10.96 16.59
CA LEU B 26 -1.66 10.22 17.66
C LEU B 26 -2.86 11.11 17.99
N GLU B 27 -4.02 10.76 17.46
CA GLU B 27 -5.23 11.55 17.64
C GLU B 27 -5.69 11.88 19.06
N CYS B 28 -6.55 12.88 19.16
CA CYS B 28 -7.10 13.32 20.43
C CYS B 28 -7.99 14.52 20.19
N ILE B 29 -9.24 14.22 19.85
CA ILE B 29 -10.25 15.22 19.54
C ILE B 29 -11.31 15.29 20.63
N ILE B 30 -11.79 16.50 20.90
CA ILE B 30 -12.82 16.68 21.90
C ILE B 30 -14.16 16.93 21.22
N GLU B 31 -15.05 15.95 21.31
CA GLU B 31 -16.41 16.06 20.72
C GLU B 31 -17.18 17.10 21.52
N GLY B 32 -18.18 17.70 20.88
CA GLY B 32 -18.98 18.72 21.57
C GLY B 32 -18.31 20.07 21.82
N ASN B 33 -18.82 20.81 22.82
CA ASN B 33 -18.27 22.13 23.12
C ASN B 33 -16.86 22.13 23.67
N ASP B 34 -15.91 22.34 22.76
CA ASP B 34 -14.50 22.34 23.10
C ASP B 34 -13.94 23.74 23.39
N GLN B 35 -14.58 24.48 24.28
CA GLN B 35 -14.06 25.80 24.58
C GLN B 35 -13.20 25.81 25.84
N GLY B 36 -12.01 26.45 25.70
CA GLY B 36 -11.05 26.59 26.80
C GLY B 36 -10.43 25.33 27.37
N VAL B 37 -10.38 24.26 26.58
CA VAL B 37 -9.81 23.03 27.08
C VAL B 37 -8.32 23.04 26.77
N LYS B 38 -7.52 22.53 27.70
CA LYS B 38 -6.08 22.45 27.55
C LYS B 38 -5.66 20.99 27.46
N TYR B 39 -4.95 20.63 26.40
CA TYR B 39 -4.52 19.25 26.20
C TYR B 39 -3.09 19.01 26.68
N SER B 40 -2.84 17.85 27.25
CA SER B 40 -1.51 17.51 27.74
C SER B 40 -1.28 16.02 27.55
N TRP B 41 -0.08 15.67 27.12
CA TRP B 41 0.26 14.28 26.88
C TRP B 41 1.24 13.76 27.92
N LYS B 42 1.16 12.47 28.21
CA LYS B 42 2.06 11.83 29.14
C LYS B 42 2.56 10.58 28.45
N LYS B 43 3.86 10.37 28.41
CA LYS B 43 4.39 9.16 27.77
C LYS B 43 5.03 8.25 28.80
N ASP B 44 4.73 6.96 28.68
CA ASP B 44 5.29 5.98 29.60
C ASP B 44 5.14 6.42 31.04
N GLY B 45 4.09 7.17 31.34
CA GLY B 45 3.88 7.61 32.71
C GLY B 45 4.37 9.01 32.96
N LYS B 46 5.67 9.24 32.82
CA LYS B 46 6.25 10.57 33.01
C LYS B 46 5.60 11.57 32.05
N SER B 47 5.65 12.86 32.36
CA SER B 47 5.04 13.86 31.49
C SER B 47 5.80 14.15 30.19
N TYR B 48 5.05 14.28 29.09
CA TYR B 48 5.64 14.55 27.78
C TYR B 48 5.59 16.02 27.41
N ASN B 49 6.76 16.54 27.14
CA ASN B 49 6.92 17.94 26.71
C ASN B 49 7.11 18.00 25.19
N TRP B 50 6.01 18.00 24.45
CA TRP B 50 6.12 18.00 23.00
C TRP B 50 6.88 19.20 22.46
N GLN B 51 6.54 20.38 22.96
CA GLN B 51 7.18 21.62 22.55
C GLN B 51 8.70 21.44 22.43
N GLU B 52 9.30 20.78 23.43
CA GLU B 52 10.73 20.55 23.43
C GLU B 52 11.20 19.54 22.37
N HIS B 53 10.39 18.53 22.09
CA HIS B 53 10.81 17.55 21.08
C HIS B 53 10.47 18.02 19.68
N ASN B 54 10.58 17.11 18.71
CA ASN B 54 10.29 17.41 17.31
C ASN B 54 8.85 17.06 16.98
N ALA B 55 7.92 17.60 17.76
CA ALA B 55 6.51 17.33 17.55
C ALA B 55 5.69 18.60 17.65
N ALA B 56 4.43 18.51 17.26
CA ALA B 56 3.53 19.65 17.33
C ALA B 56 2.10 19.15 17.53
N LEU B 57 1.27 19.99 18.13
CA LEU B 57 -0.12 19.64 18.39
C LEU B 57 -1.00 20.12 17.25
N ARG B 58 -1.91 19.27 16.78
CA ARG B 58 -2.80 19.66 15.71
C ARG B 58 -3.51 20.90 16.23
N LYS B 59 -4.06 21.71 15.33
CA LYS B 59 -4.71 22.96 15.73
C LYS B 59 -5.82 22.92 16.77
N ASP B 60 -7.05 22.75 16.31
CA ASP B 60 -8.18 22.75 17.25
C ASP B 60 -8.43 21.42 18.00
N GLU B 61 -7.37 20.62 18.16
CA GLU B 61 -7.48 19.34 18.87
C GLU B 61 -6.28 19.13 19.79
N GLY B 62 -6.18 17.94 20.38
CA GLY B 62 -5.08 17.64 21.27
C GLY B 62 -4.13 16.69 20.60
N SER B 63 -4.53 16.24 19.41
CA SER B 63 -3.74 15.33 18.64
C SER B 63 -2.28 15.78 18.49
N LEU B 64 -1.38 14.87 18.88
CA LEU B 64 0.06 15.07 18.85
C LEU B 64 0.66 14.53 17.57
N VAL B 65 1.23 15.40 16.75
CA VAL B 65 1.84 14.97 15.48
C VAL B 65 3.36 14.91 15.61
N PHE B 66 3.95 13.77 15.29
CA PHE B 66 5.40 13.65 15.35
C PHE B 66 5.89 14.04 13.96
N LEU B 67 6.73 15.06 13.88
CA LEU B 67 7.25 15.54 12.60
C LEU B 67 8.33 14.65 11.99
N ARG B 68 8.86 13.75 12.80
CA ARG B 68 9.87 12.81 12.35
C ARG B 68 10.15 11.85 13.48
N PRO B 69 9.24 10.86 13.67
CA PRO B 69 9.39 9.87 14.73
C PRO B 69 10.65 9.03 14.56
N GLN B 70 11.28 8.71 15.69
CA GLN B 70 12.48 7.89 15.66
C GLN B 70 12.14 6.64 16.40
N ALA B 71 13.04 5.67 16.39
CA ALA B 71 12.78 4.42 17.09
C ALA B 71 12.61 4.71 18.59
N SER B 72 13.33 5.72 19.05
CA SER B 72 13.30 6.13 20.47
C SER B 72 12.01 6.84 20.86
N ASP B 73 11.07 6.95 19.93
CA ASP B 73 9.82 7.63 20.21
C ASP B 73 8.74 6.62 20.53
N GLU B 74 9.05 5.34 20.33
CA GLU B 74 8.13 4.25 20.62
C GLU B 74 7.67 4.42 22.07
N GLY B 75 6.50 3.90 22.42
CA GLY B 75 6.05 4.03 23.78
C GLY B 75 4.56 4.07 24.01
N HIS B 76 4.18 4.22 25.28
CA HIS B 76 2.78 4.27 25.66
C HIS B 76 2.42 5.73 25.94
N TYR B 77 1.51 6.26 25.13
CA TYR B 77 1.08 7.64 25.27
C TYR B 77 -0.35 7.76 25.75
N GLN B 78 -0.58 8.71 26.64
CA GLN B 78 -1.90 8.94 27.18
C GLN B 78 -2.16 10.42 27.08
N CYS B 79 -3.40 10.79 26.78
CA CYS B 79 -3.74 12.18 26.64
C CYS B 79 -4.76 12.61 27.68
N PHE B 80 -4.69 13.87 28.10
CA PHE B 80 -5.60 14.44 29.09
C PHE B 80 -6.09 15.80 28.66
N ALA B 81 -7.40 15.94 28.57
CA ALA B 81 -8.00 17.21 28.18
C ALA B 81 -8.60 17.85 29.41
N GLU B 82 -8.04 18.98 29.79
CA GLU B 82 -8.50 19.75 30.95
C GLU B 82 -9.68 20.61 30.52
N THR B 83 -10.87 20.32 31.01
CA THR B 83 -12.03 21.09 30.62
C THR B 83 -12.78 21.66 31.82
N PRO B 84 -13.73 22.56 31.59
CA PRO B 84 -14.50 23.13 32.69
C PRO B 84 -15.11 22.07 33.63
N ALA B 85 -15.50 20.92 33.07
CA ALA B 85 -16.12 19.85 33.86
C ALA B 85 -15.13 19.00 34.67
N GLY B 86 -13.90 18.89 34.18
CA GLY B 86 -12.88 18.12 34.88
C GLY B 86 -11.76 17.73 33.92
N VAL B 87 -11.22 16.53 34.07
CA VAL B 87 -10.14 16.09 33.18
C VAL B 87 -10.47 14.78 32.46
N ALA B 88 -10.75 14.89 31.17
CA ALA B 88 -11.03 13.71 30.38
C ALA B 88 -9.69 13.04 30.09
N SER B 89 -9.73 11.74 29.80
CA SER B 89 -8.53 10.97 29.51
C SER B 89 -8.77 10.05 28.36
N SER B 90 -7.71 9.80 27.60
CA SER B 90 -7.83 8.91 26.47
C SER B 90 -7.34 7.58 27.00
N ARG B 91 -7.57 6.51 26.25
CA ARG B 91 -7.06 5.22 26.69
C ARG B 91 -5.56 5.36 26.51
N VAL B 92 -4.79 4.40 27.00
CA VAL B 92 -3.37 4.54 26.78
C VAL B 92 -3.10 3.97 25.40
N ILE B 93 -2.54 4.80 24.55
CA ILE B 93 -2.24 4.42 23.17
C ILE B 93 -0.82 3.93 23.01
N SER B 94 -0.67 2.76 22.39
CA SER B 94 0.64 2.16 22.15
C SER B 94 1.22 2.64 20.81
N PHE B 95 2.35 3.35 20.86
CA PHE B 95 3.01 3.88 19.68
C PHE B 95 4.22 2.98 19.32
N ARG B 96 4.13 2.27 18.20
CA ARG B 96 5.21 1.38 17.79
C ARG B 96 5.74 1.68 16.42
N LYS B 97 6.95 1.20 16.16
CA LYS B 97 7.60 1.39 14.88
C LYS B 97 7.41 0.16 14.02
N THR B 98 7.01 0.38 12.77
CA THR B 98 6.81 -0.71 11.84
C THR B 98 8.02 -0.83 10.92
N TYR B 99 8.34 -2.06 10.54
CA TYR B 99 9.49 -2.30 9.69
C TYR B 99 9.42 -3.71 9.13
N LEU B 100 10.24 -3.94 8.12
CA LEU B 100 10.36 -5.24 7.48
C LEU B 100 11.81 -5.40 7.06
N ILE B 101 12.56 -6.22 7.80
CA ILE B 101 13.94 -6.43 7.46
C ILE B 101 14.17 -7.82 6.92
N ALA B 102 14.71 -7.88 5.70
CA ALA B 102 14.99 -9.14 5.03
C ALA B 102 16.31 -9.09 4.28
N SER B 103 17.02 -10.22 4.27
CA SER B 103 18.28 -10.29 3.55
C SER B 103 17.92 -10.35 2.06
N PRO B 104 18.79 -9.81 1.20
CA PRO B 104 18.55 -9.82 -0.26
C PRO B 104 18.15 -11.19 -0.79
N ALA B 105 17.10 -11.19 -1.63
CA ALA B 105 16.58 -12.42 -2.19
C ALA B 105 17.64 -13.25 -2.90
N LYS B 106 17.75 -14.51 -2.50
CA LYS B 106 18.71 -15.44 -3.08
C LYS B 106 17.93 -16.44 -3.93
N THR B 107 18.34 -16.65 -5.18
CA THR B 107 17.66 -17.61 -6.04
C THR B 107 18.33 -18.98 -5.89
N HIS B 108 17.53 -20.03 -5.64
CA HIS B 108 18.04 -21.39 -5.47
C HIS B 108 17.46 -22.37 -6.46
N GLU B 109 18.26 -23.32 -6.93
CA GLU B 109 17.79 -24.32 -7.88
C GLU B 109 17.45 -25.61 -7.13
N LYS B 110 16.44 -26.33 -7.59
CA LYS B 110 16.05 -27.57 -6.92
C LYS B 110 15.61 -28.66 -7.89
N THR B 111 16.11 -29.88 -7.64
CA THR B 111 15.76 -31.05 -8.44
C THR B 111 15.31 -32.10 -7.43
N PRO B 112 14.00 -32.11 -7.12
CA PRO B 112 13.41 -33.04 -6.16
C PRO B 112 13.09 -34.40 -6.77
N ILE B 113 12.94 -35.38 -5.89
CA ILE B 113 12.60 -36.74 -6.31
C ILE B 113 11.12 -36.72 -6.67
N GLU B 114 10.78 -37.30 -7.82
CA GLU B 114 9.40 -37.34 -8.28
C GLU B 114 8.48 -38.11 -7.32
N GLY B 115 7.18 -37.99 -7.55
CA GLY B 115 6.18 -38.66 -6.76
C GLY B 115 6.38 -38.74 -5.26
N ARG B 116 7.00 -37.74 -4.68
CA ARG B 116 7.24 -37.73 -3.24
C ARG B 116 7.06 -36.33 -2.67
N PRO B 117 6.48 -36.22 -1.45
CA PRO B 117 6.24 -34.92 -0.81
C PRO B 117 7.43 -33.99 -0.98
N PHE B 118 7.14 -32.70 -1.06
CA PHE B 118 8.17 -31.68 -1.25
C PHE B 118 7.73 -30.44 -0.49
N GLN B 119 8.61 -29.44 -0.47
CA GLN B 119 8.31 -28.19 0.21
C GLN B 119 9.43 -27.18 -0.02
N LEU B 120 9.05 -25.96 -0.38
CA LEU B 120 10.01 -24.90 -0.61
C LEU B 120 10.01 -24.08 0.67
N ASP B 121 11.19 -23.81 1.22
CA ASP B 121 11.27 -23.04 2.46
C ASP B 121 11.37 -21.54 2.23
N CYS B 122 10.73 -20.78 3.10
CA CYS B 122 10.76 -19.34 2.96
C CYS B 122 11.39 -18.71 4.18
N VAL B 123 12.33 -17.80 3.92
CA VAL B 123 13.05 -17.08 4.96
C VAL B 123 12.22 -15.92 5.51
N LEU B 124 11.51 -16.16 6.61
CA LEU B 124 10.69 -15.13 7.22
C LEU B 124 11.55 -13.97 7.67
N PRO B 125 11.18 -12.72 7.31
CA PRO B 125 11.99 -11.57 7.72
C PRO B 125 11.68 -11.11 9.13
N ASN B 126 12.49 -10.19 9.60
CA ASN B 126 12.36 -9.59 10.93
C ASN B 126 11.43 -8.41 10.73
N ALA B 127 10.22 -8.47 11.27
CA ALA B 127 9.30 -7.36 11.07
C ALA B 127 8.13 -7.29 12.03
N TYR B 128 7.49 -6.13 12.02
CA TYR B 128 6.31 -5.88 12.84
C TYR B 128 5.47 -4.84 12.10
N PRO B 129 4.15 -5.09 11.98
CA PRO B 129 3.50 -6.28 12.52
C PRO B 129 3.87 -7.50 11.68
N LYS B 130 3.38 -8.67 12.06
CA LYS B 130 3.67 -9.88 11.32
C LYS B 130 3.28 -9.61 9.87
N PRO B 131 4.18 -9.90 8.94
CA PRO B 131 3.94 -9.67 7.50
C PRO B 131 3.04 -10.70 6.86
N LEU B 132 2.63 -10.43 5.63
CA LEU B 132 1.80 -11.37 4.91
C LEU B 132 2.68 -12.12 3.92
N ILE B 133 2.77 -13.43 4.09
CA ILE B 133 3.57 -14.21 3.17
C ILE B 133 2.70 -14.70 2.02
N THR B 134 3.15 -14.43 0.81
CA THR B 134 2.46 -14.83 -0.39
C THR B 134 3.45 -15.62 -1.23
N TRP B 135 2.96 -16.61 -1.95
CA TRP B 135 3.81 -17.42 -2.79
C TRP B 135 3.22 -17.29 -4.19
N LYS B 136 4.06 -17.19 -5.20
CA LYS B 136 3.56 -17.04 -6.56
C LYS B 136 4.44 -17.68 -7.63
N LYS B 137 3.81 -18.12 -8.72
CA LYS B 137 4.51 -18.70 -9.85
C LYS B 137 4.84 -17.43 -10.66
N ARG B 138 6.11 -17.03 -10.65
CA ARG B 138 6.55 -15.82 -11.34
C ARG B 138 7.18 -16.04 -12.70
N LEU B 139 6.46 -15.63 -13.75
CA LEU B 139 6.98 -15.78 -15.10
C LEU B 139 8.14 -14.81 -15.19
N SER B 140 9.26 -15.24 -15.76
CA SER B 140 10.44 -14.39 -15.88
C SER B 140 10.33 -13.36 -17.01
N GLY B 141 10.69 -12.10 -16.71
CA GLY B 141 10.67 -11.01 -17.68
C GLY B 141 9.51 -10.84 -18.66
N ALA B 142 8.94 -9.63 -18.68
CA ALA B 142 7.82 -9.26 -19.56
C ALA B 142 6.56 -10.12 -19.41
N ASP B 143 5.72 -9.77 -18.43
CA ASP B 143 4.49 -10.51 -18.16
C ASP B 143 3.38 -9.51 -17.93
N PRO B 144 2.51 -9.35 -18.94
CA PRO B 144 1.35 -8.43 -18.93
C PRO B 144 0.28 -8.77 -17.89
N ASN B 145 0.35 -9.97 -17.32
CA ASN B 145 -0.64 -10.40 -16.34
C ASN B 145 -0.15 -10.30 -14.92
N ALA B 146 -1.02 -10.75 -14.01
CA ALA B 146 -0.73 -10.77 -12.59
C ALA B 146 -0.05 -12.10 -12.30
N ASP B 147 0.95 -12.08 -11.42
CA ASP B 147 1.66 -13.31 -11.06
C ASP B 147 0.65 -14.33 -10.57
N VAL B 148 0.79 -15.58 -10.97
CA VAL B 148 -0.14 -16.63 -10.59
C VAL B 148 0.01 -17.06 -9.12
N THR B 149 -1.02 -16.85 -8.31
CA THR B 149 -0.97 -17.25 -6.90
C THR B 149 -1.91 -18.40 -6.56
N ASP B 150 -2.31 -19.15 -7.58
CA ASP B 150 -3.20 -20.29 -7.45
C ASP B 150 -2.51 -21.49 -8.11
N PHE B 151 -1.91 -22.34 -7.29
CA PHE B 151 -1.17 -23.54 -7.73
C PHE B 151 -2.03 -24.82 -7.85
N ASP B 152 -1.44 -25.96 -8.22
CA ASP B 152 -2.21 -27.19 -8.31
C ASP B 152 -2.90 -27.38 -6.96
N ARG B 153 -3.71 -28.43 -6.83
CA ARG B 153 -4.40 -28.71 -5.58
C ARG B 153 -3.37 -29.31 -4.65
N ARG B 154 -2.33 -29.87 -5.25
CA ARG B 154 -1.27 -30.50 -4.50
C ARG B 154 -0.41 -29.51 -3.73
N ILE B 155 -0.47 -28.25 -4.14
CA ILE B 155 0.34 -27.24 -3.49
C ILE B 155 -0.45 -26.25 -2.63
N THR B 156 -0.02 -26.09 -1.38
CA THR B 156 -0.67 -25.17 -0.45
C THR B 156 0.38 -24.62 0.51
N ALA B 157 0.22 -23.36 0.90
CA ALA B 157 1.15 -22.74 1.82
C ALA B 157 0.65 -22.95 3.24
N GLY B 158 1.57 -23.26 4.14
CA GLY B 158 1.24 -23.48 5.54
C GLY B 158 1.31 -22.18 6.31
N PRO B 159 0.87 -22.17 7.58
CA PRO B 159 0.90 -20.93 8.38
C PRO B 159 2.32 -20.52 8.76
N ASP B 160 3.28 -21.37 8.43
CA ASP B 160 4.67 -21.10 8.75
C ASP B 160 5.37 -20.39 7.61
N GLY B 161 4.67 -20.23 6.50
CA GLY B 161 5.25 -19.55 5.37
C GLY B 161 5.94 -20.40 4.33
N ASN B 162 5.82 -21.73 4.44
CA ASN B 162 6.46 -22.63 3.48
C ASN B 162 5.43 -23.17 2.50
N LEU B 163 5.87 -23.50 1.29
CA LEU B 163 4.98 -24.04 0.28
C LEU B 163 5.08 -25.56 0.35
N TYR B 164 3.94 -26.22 0.47
CA TYR B 164 3.90 -27.68 0.57
C TYR B 164 3.31 -28.40 -0.60
N PHE B 165 4.11 -29.25 -1.22
CA PHE B 165 3.67 -30.08 -2.34
C PHE B 165 3.35 -31.42 -1.68
N THR B 166 2.11 -31.90 -1.80
CA THR B 166 1.76 -33.18 -1.19
C THR B 166 2.66 -34.23 -1.82
N ILE B 167 2.86 -34.07 -3.12
CA ILE B 167 3.75 -34.92 -3.90
C ILE B 167 4.18 -34.01 -5.04
N VAL B 168 5.47 -34.04 -5.37
CA VAL B 168 6.00 -33.22 -6.44
C VAL B 168 6.09 -34.04 -7.72
N THR B 169 5.55 -33.50 -8.81
CA THR B 169 5.54 -34.19 -10.10
C THR B 169 6.36 -33.47 -11.16
N LYS B 170 6.42 -34.04 -12.36
CA LYS B 170 7.19 -33.44 -13.45
C LYS B 170 6.47 -32.20 -13.94
N GLU B 171 5.21 -32.09 -13.55
CA GLU B 171 4.38 -30.95 -13.94
C GLU B 171 4.81 -29.72 -13.16
N ASP B 172 5.53 -29.94 -12.07
CA ASP B 172 5.97 -28.84 -11.23
C ASP B 172 7.30 -28.26 -11.69
N VAL B 173 7.79 -28.76 -12.83
CA VAL B 173 9.03 -28.27 -13.37
C VAL B 173 8.74 -27.18 -14.37
N SER B 174 9.69 -26.28 -14.54
CA SER B 174 9.54 -25.18 -15.50
C SER B 174 10.83 -24.43 -15.60
N ASP B 175 11.15 -23.95 -16.80
CA ASP B 175 12.38 -23.20 -16.99
C ASP B 175 12.09 -21.73 -17.14
N ILE B 176 10.84 -21.34 -16.94
CA ILE B 176 10.46 -19.95 -17.06
C ILE B 176 9.74 -19.37 -15.82
N TYR B 177 9.13 -20.26 -15.03
CA TYR B 177 8.41 -19.84 -13.83
C TYR B 177 9.36 -20.00 -12.66
N LYS B 178 9.24 -19.11 -11.69
CA LYS B 178 10.06 -19.19 -10.48
C LYS B 178 9.09 -19.23 -9.31
N TYR B 179 9.39 -20.05 -8.30
CA TYR B 179 8.52 -20.11 -7.12
C TYR B 179 9.07 -19.05 -6.19
N VAL B 180 8.37 -17.92 -6.15
CA VAL B 180 8.76 -16.79 -5.32
C VAL B 180 7.98 -16.64 -4.01
N CYS B 181 8.68 -16.26 -2.96
CA CYS B 181 8.07 -16.06 -1.67
C CYS B 181 8.24 -14.59 -1.31
N THR B 182 7.14 -13.88 -1.11
CA THR B 182 7.20 -12.46 -0.77
C THR B 182 6.50 -12.13 0.53
N ALA B 183 6.87 -11.01 1.13
CA ALA B 183 6.28 -10.58 2.37
C ALA B 183 6.02 -9.09 2.32
N LYS B 184 4.93 -8.67 2.93
CA LYS B 184 4.57 -7.27 2.97
C LYS B 184 3.93 -6.96 4.31
N ASN B 185 4.02 -5.71 4.73
CA ASN B 185 3.40 -5.29 5.95
C ASN B 185 3.31 -3.77 5.93
N ALA B 186 2.85 -3.18 7.01
CA ALA B 186 2.67 -1.73 7.08
C ALA B 186 3.91 -0.87 6.89
N ALA B 187 5.09 -1.49 6.91
CA ALA B 187 6.33 -0.74 6.78
C ALA B 187 6.79 -0.53 5.35
N VAL B 188 6.21 -1.26 4.40
CA VAL B 188 6.60 -1.13 3.00
C VAL B 188 5.37 -0.88 2.15
N ASP B 189 5.56 -0.27 0.97
CA ASP B 189 4.44 0.03 0.07
C ASP B 189 4.11 -1.05 -0.95
N GLU B 190 5.10 -1.87 -1.29
CA GLU B 190 4.91 -2.96 -2.24
C GLU B 190 5.68 -4.12 -1.65
N GLU B 191 5.15 -5.33 -1.84
CA GLU B 191 5.77 -6.54 -1.31
C GLU B 191 7.27 -6.64 -1.55
N VAL B 192 7.96 -7.26 -0.60
CA VAL B 192 9.41 -7.49 -0.66
C VAL B 192 9.61 -8.98 -0.95
N VAL B 193 10.60 -9.30 -1.78
CA VAL B 193 10.88 -10.70 -2.13
C VAL B 193 11.91 -11.32 -1.19
N LEU B 194 11.53 -12.41 -0.52
CA LEU B 194 12.40 -13.09 0.43
C LEU B 194 13.32 -14.18 -0.12
N VAL B 195 12.83 -14.93 -1.11
CA VAL B 195 13.64 -16.00 -1.69
C VAL B 195 12.96 -16.49 -2.96
N GLU B 196 13.75 -16.93 -3.93
CA GLU B 196 13.22 -17.43 -5.19
C GLU B 196 13.68 -18.85 -5.42
N TYR B 197 12.83 -19.68 -6.01
CA TYR B 197 13.15 -21.08 -6.27
C TYR B 197 12.89 -21.46 -7.71
N GLU B 198 13.68 -22.39 -8.22
CA GLU B 198 13.51 -22.86 -9.58
C GLU B 198 13.55 -24.38 -9.59
N ILE B 199 12.45 -25.01 -9.94
CA ILE B 199 12.47 -26.46 -10.01
C ILE B 199 12.83 -26.73 -11.47
N LYS B 200 14.05 -27.22 -11.70
CA LYS B 200 14.50 -27.48 -13.07
C LYS B 200 14.33 -28.91 -13.57
N GLY B 201 14.13 -29.85 -12.65
CA GLY B 201 13.93 -31.24 -13.03
C GLY B 201 13.58 -32.08 -11.81
N VAL B 202 13.36 -33.38 -12.01
CA VAL B 202 13.04 -34.27 -10.89
C VAL B 202 13.69 -35.66 -11.03
N THR B 203 14.34 -36.12 -9.97
CA THR B 203 14.99 -37.43 -9.98
C THR B 203 13.97 -38.53 -9.68
N LYS B 204 14.30 -39.78 -10.00
CA LYS B 204 13.35 -40.87 -9.75
C LYS B 204 13.52 -41.56 -8.40
N ASP B 205 12.39 -41.72 -7.71
CA ASP B 205 12.34 -42.32 -6.37
C ASP B 205 12.92 -43.73 -6.30
N ASN B 206 14.04 -43.83 -5.59
CA ASN B 206 14.72 -45.11 -5.41
C ASN B 206 14.53 -45.64 -3.98
N SER B 207 13.33 -45.41 -3.44
CA SER B 207 12.98 -45.86 -2.08
C SER B 207 11.48 -46.06 -2.03
N GLY B 208 10.98 -46.99 -2.85
CA GLY B 208 9.56 -47.34 -2.95
C GLY B 208 8.57 -46.79 -1.91
N TYR B 209 8.21 -45.52 -2.04
CA TYR B 209 7.25 -44.87 -1.15
C TYR B 209 5.92 -45.21 -1.83
N LYS B 210 5.04 -45.90 -1.10
CA LYS B 210 3.76 -46.35 -1.66
C LYS B 210 2.52 -45.42 -1.65
N GLY B 211 2.63 -44.23 -1.08
CA GLY B 211 1.52 -43.30 -1.08
C GLY B 211 0.88 -43.00 0.26
N GLU B 212 1.28 -43.75 1.29
CA GLU B 212 0.74 -43.58 2.64
C GLU B 212 0.92 -42.14 3.12
N PRO B 213 -0.17 -41.52 3.60
CA PRO B 213 -0.06 -40.13 4.07
C PRO B 213 0.97 -39.97 5.19
N VAL B 214 1.88 -39.02 5.01
CA VAL B 214 2.93 -38.75 5.99
C VAL B 214 2.79 -37.28 6.42
N PRO B 215 2.87 -37.01 7.73
CA PRO B 215 2.73 -35.61 8.16
C PRO B 215 3.78 -34.69 7.55
N GLN B 216 3.31 -33.59 6.98
CA GLN B 216 4.19 -32.60 6.38
C GLN B 216 4.17 -31.45 7.35
N TYR B 217 2.97 -31.14 7.82
CA TYR B 217 2.73 -30.09 8.79
C TYR B 217 1.40 -30.35 9.46
N VAL B 218 1.37 -30.20 10.78
CA VAL B 218 0.16 -30.38 11.56
C VAL B 218 0.21 -29.40 12.73
N SER B 219 -0.90 -28.69 12.95
CA SER B 219 -0.97 -27.72 14.03
C SER B 219 -0.92 -28.42 15.38
N LYS B 220 -0.23 -27.79 16.34
CA LYS B 220 -0.11 -28.35 17.69
C LYS B 220 -1.15 -27.62 18.55
N ASP B 221 -1.14 -27.88 19.86
CA ASP B 221 -2.10 -27.22 20.75
C ASP B 221 -1.93 -25.73 20.52
N MET B 222 -2.99 -24.96 20.68
CA MET B 222 -2.85 -23.54 20.47
C MET B 222 -3.82 -22.71 21.27
N MET B 223 -3.54 -21.42 21.34
CA MET B 223 -4.40 -20.47 22.04
C MET B 223 -5.03 -19.66 20.91
N ALA B 224 -6.15 -19.02 21.18
CA ALA B 224 -6.81 -18.22 20.18
C ALA B 224 -7.63 -17.17 20.88
N LYS B 225 -7.66 -15.96 20.34
CA LYS B 225 -8.44 -14.89 20.95
C LYS B 225 -9.85 -14.94 20.39
N ALA B 226 -10.84 -14.78 21.26
CA ALA B 226 -12.22 -14.82 20.81
C ALA B 226 -12.46 -13.65 19.87
N GLY B 227 -13.11 -13.92 18.73
CA GLY B 227 -13.40 -12.86 17.77
C GLY B 227 -12.41 -12.81 16.62
N ASP B 228 -11.27 -13.46 16.83
CA ASP B 228 -10.19 -13.54 15.84
C ASP B 228 -10.48 -14.70 14.87
N VAL B 229 -9.59 -14.91 13.92
CA VAL B 229 -9.78 -16.02 12.98
C VAL B 229 -8.71 -17.05 13.28
N THR B 230 -9.16 -18.30 13.52
CA THR B 230 -8.26 -19.40 13.83
C THR B 230 -8.18 -20.38 12.68
N MET B 231 -7.01 -21.01 12.50
CA MET B 231 -6.79 -21.97 11.44
C MET B 231 -6.06 -23.17 12.01
N ILE B 232 -6.64 -24.35 11.82
CA ILE B 232 -6.02 -25.58 12.29
C ILE B 232 -5.55 -26.25 11.02
N TYR B 233 -4.27 -26.57 10.92
CA TYR B 233 -3.77 -27.19 9.70
C TYR B 233 -3.46 -28.67 9.84
N CYS B 234 -3.74 -29.42 8.78
CA CYS B 234 -3.47 -30.86 8.75
C CYS B 234 -2.99 -31.25 7.37
N MET B 235 -1.74 -30.91 7.09
CA MET B 235 -1.12 -31.16 5.81
C MET B 235 -0.29 -32.43 5.75
N TYR B 236 -0.80 -33.41 5.01
CA TYR B 236 -0.13 -34.68 4.85
C TYR B 236 0.27 -34.91 3.40
N GLY B 237 1.37 -35.62 3.18
CA GLY B 237 1.81 -35.94 1.83
C GLY B 237 1.30 -37.33 1.49
N SER B 238 0.34 -37.39 0.56
CA SER B 238 -0.27 -38.68 0.19
C SER B 238 -0.45 -38.86 -1.32
N ASN B 239 -0.58 -40.13 -1.73
CA ASN B 239 -0.78 -40.49 -3.13
C ASN B 239 -1.73 -41.68 -3.15
N PRO B 240 -2.98 -41.46 -3.61
CA PRO B 240 -3.51 -40.18 -4.09
C PRO B 240 -3.81 -39.18 -2.99
N MET B 241 -3.96 -37.93 -3.38
CA MET B 241 -4.23 -36.85 -2.44
C MET B 241 -5.51 -37.16 -1.66
N GLY B 242 -5.42 -37.03 -0.34
CA GLY B 242 -6.55 -37.28 0.53
C GLY B 242 -7.21 -36.04 1.12
N TYR B 243 -8.47 -36.18 1.52
CA TYR B 243 -9.21 -35.07 2.11
C TYR B 243 -9.40 -35.30 3.59
N PRO B 244 -8.66 -34.57 4.43
CA PRO B 244 -8.81 -34.76 5.87
C PRO B 244 -10.24 -34.54 6.37
N ASN B 245 -10.57 -35.26 7.44
CA ASN B 245 -11.87 -35.21 8.09
C ASN B 245 -11.60 -34.51 9.42
N TYR B 246 -12.50 -33.65 9.85
CA TYR B 246 -12.30 -32.93 11.09
C TYR B 246 -13.37 -33.23 12.13
N PHE B 247 -12.94 -33.51 13.37
CA PHE B 247 -13.83 -33.82 14.48
C PHE B 247 -13.53 -32.96 15.70
N LYS B 248 -14.57 -32.43 16.35
CA LYS B 248 -14.41 -31.64 17.57
C LYS B 248 -14.92 -32.49 18.72
N ASN B 249 -14.00 -33.07 19.49
CA ASN B 249 -14.37 -33.91 20.63
C ASN B 249 -15.16 -35.14 20.16
N GLY B 250 -14.97 -35.54 18.91
CA GLY B 250 -15.69 -36.70 18.42
C GLY B 250 -16.75 -36.43 17.37
N LYS B 251 -17.48 -35.32 17.48
CA LYS B 251 -18.49 -35.00 16.49
C LYS B 251 -17.89 -34.46 15.19
N ASP B 252 -18.58 -34.65 14.07
CA ASP B 252 -18.11 -34.17 12.78
C ASP B 252 -18.07 -32.64 12.76
N VAL B 253 -17.13 -32.07 12.01
CA VAL B 253 -17.01 -30.61 11.96
C VAL B 253 -16.65 -29.99 10.60
N ASN B 254 -16.68 -30.77 9.53
CA ASN B 254 -16.33 -30.24 8.21
C ASN B 254 -17.24 -29.11 7.71
N GLY B 255 -18.52 -29.15 8.08
CA GLY B 255 -19.45 -28.12 7.64
C GLY B 255 -19.52 -27.92 6.14
N ASN B 256 -19.82 -26.70 5.71
CA ASN B 256 -19.93 -26.39 4.30
C ASN B 256 -19.09 -25.15 3.97
N PRO B 257 -18.89 -24.87 2.68
CA PRO B 257 -18.09 -23.70 2.28
C PRO B 257 -18.48 -22.35 2.87
N GLU B 258 -19.61 -22.27 3.55
CA GLU B 258 -20.02 -21.00 4.12
C GLU B 258 -20.55 -21.02 5.55
N ASP B 259 -20.06 -21.96 6.35
CA ASP B 259 -20.46 -22.06 7.76
C ASP B 259 -19.42 -21.23 8.50
N ARG B 260 -19.58 -21.07 9.81
CA ARG B 260 -18.59 -20.30 10.56
C ARG B 260 -17.30 -21.12 10.58
N ILE B 261 -17.42 -22.41 10.87
CA ILE B 261 -16.27 -23.30 10.89
C ILE B 261 -16.41 -24.30 9.75
N THR B 262 -15.37 -24.41 8.91
CA THR B 262 -15.39 -25.34 7.77
C THR B 262 -14.02 -25.67 7.17
N ARG B 263 -13.93 -26.87 6.60
CA ARG B 263 -12.69 -27.34 5.98
C ARG B 263 -12.71 -26.99 4.51
N HIS B 264 -13.82 -26.40 4.06
CA HIS B 264 -13.99 -26.01 2.67
C HIS B 264 -13.60 -24.54 2.51
N ASN B 265 -12.30 -24.29 2.37
CA ASN B 265 -11.78 -22.94 2.21
C ASN B 265 -10.73 -22.87 1.09
N ARG B 266 -10.92 -23.69 0.06
CA ARG B 266 -10.03 -23.76 -1.09
C ARG B 266 -8.62 -24.20 -0.74
N THR B 267 -8.50 -25.13 0.21
CA THR B 267 -7.21 -25.68 0.60
C THR B 267 -7.27 -27.18 0.59
N SER B 268 -8.32 -27.71 -0.04
CA SER B 268 -8.53 -29.14 -0.15
C SER B 268 -8.56 -29.88 1.19
N GLY B 269 -9.17 -29.25 2.19
CA GLY B 269 -9.28 -29.87 3.49
C GLY B 269 -7.99 -29.91 4.29
N LYS B 270 -6.99 -29.17 3.84
CA LYS B 270 -5.71 -29.13 4.55
C LYS B 270 -5.82 -28.13 5.68
N ARG B 271 -6.94 -27.44 5.75
CA ARG B 271 -7.17 -26.45 6.79
C ARG B 271 -8.63 -26.33 7.26
N LEU B 272 -8.81 -26.30 8.57
CA LEU B 272 -10.12 -26.13 9.16
C LEU B 272 -10.13 -24.66 9.57
N LEU B 273 -11.01 -23.89 8.94
CA LEU B 273 -11.06 -22.46 9.20
C LEU B 273 -12.24 -21.97 10.01
N PHE B 274 -11.94 -21.18 11.04
CA PHE B 274 -12.99 -20.58 11.86
C PHE B 274 -13.04 -19.13 11.39
N LYS B 275 -14.07 -18.78 10.61
CA LYS B 275 -14.21 -17.40 10.11
C LYS B 275 -14.17 -16.40 11.28
N THR B 276 -14.54 -16.87 12.47
CA THR B 276 -14.51 -16.06 13.68
C THR B 276 -14.61 -17.03 14.85
N THR B 277 -13.65 -16.93 15.75
CA THR B 277 -13.59 -17.81 16.92
C THR B 277 -14.45 -17.35 18.10
N LEU B 278 -15.10 -18.32 18.75
CA LEU B 278 -15.97 -18.08 19.90
C LEU B 278 -15.50 -18.95 21.05
N PRO B 279 -15.82 -18.56 22.29
CA PRO B 279 -15.40 -19.38 23.43
C PRO B 279 -15.91 -20.82 23.36
N GLU B 280 -17.05 -21.04 22.69
CA GLU B 280 -17.64 -22.37 22.53
C GLU B 280 -16.81 -23.30 21.67
N ASP B 281 -15.82 -22.76 20.98
CA ASP B 281 -14.98 -23.55 20.09
C ASP B 281 -13.91 -24.29 20.85
N GLU B 282 -13.77 -24.01 22.12
CA GLU B 282 -12.77 -24.69 22.92
C GLU B 282 -13.07 -26.19 22.89
N GLY B 283 -12.04 -27.01 22.74
CA GLY B 283 -12.26 -28.44 22.70
C GLY B 283 -11.07 -29.13 22.05
N VAL B 284 -11.15 -30.44 21.93
CA VAL B 284 -10.07 -31.20 21.31
C VAL B 284 -10.44 -31.53 19.88
N TYR B 285 -9.68 -30.97 18.95
CA TYR B 285 -9.93 -31.21 17.53
C TYR B 285 -9.09 -32.37 17.04
N THR B 286 -9.72 -33.24 16.28
CA THR B 286 -9.04 -34.40 15.72
C THR B 286 -9.20 -34.38 14.21
N CYS B 287 -8.18 -34.85 13.51
CA CYS B 287 -8.27 -34.88 12.07
C CYS B 287 -7.69 -36.21 11.61
N GLU B 288 -8.29 -36.79 10.57
CA GLU B 288 -7.84 -38.07 10.03
C GLU B 288 -7.71 -38.04 8.52
N VAL B 289 -6.60 -38.60 8.04
CA VAL B 289 -6.35 -38.64 6.60
C VAL B 289 -6.27 -40.08 6.13
N ASP B 290 -7.22 -40.47 5.28
CA ASP B 290 -7.24 -41.81 4.71
C ASP B 290 -7.26 -41.72 3.19
N ASN B 291 -6.30 -42.37 2.55
CA ASN B 291 -6.19 -42.36 1.10
C ASN B 291 -6.11 -43.78 0.59
N GLY B 292 -6.67 -44.72 1.34
CA GLY B 292 -6.61 -46.10 0.90
C GLY B 292 -5.24 -46.66 1.23
N VAL B 293 -4.22 -46.24 0.48
CA VAL B 293 -2.86 -46.72 0.70
C VAL B 293 -2.40 -46.66 2.16
N GLY B 294 -1.95 -47.80 2.67
CA GLY B 294 -1.47 -47.87 4.03
C GLY B 294 -2.47 -47.63 5.14
N LYS B 295 -1.94 -47.36 6.33
CA LYS B 295 -2.76 -47.12 7.50
C LYS B 295 -3.17 -45.64 7.58
N PRO B 296 -4.44 -45.38 7.94
CA PRO B 296 -4.96 -44.01 8.07
C PRO B 296 -4.24 -43.29 9.22
N GLN B 297 -4.07 -41.97 9.08
CA GLN B 297 -3.41 -41.16 10.10
C GLN B 297 -4.39 -40.28 10.90
N LYS B 298 -4.06 -40.07 12.18
CA LYS B 298 -4.87 -39.29 13.11
C LYS B 298 -4.03 -38.22 13.83
N HIS B 299 -4.65 -37.09 14.22
CA HIS B 299 -3.92 -36.06 14.95
C HIS B 299 -4.85 -35.24 15.83
N SER B 300 -4.37 -34.89 17.03
CA SER B 300 -5.14 -34.08 18.00
C SER B 300 -4.33 -32.86 18.56
N LEU B 301 -4.92 -31.95 19.32
CA LEU B 301 -4.27 -30.74 19.83
C LEU B 301 -5.36 -30.07 20.69
N LYS B 302 -4.98 -29.19 21.63
CA LYS B 302 -6.00 -28.54 22.45
C LYS B 302 -6.13 -27.07 22.08
N LEU B 303 -7.33 -26.70 21.64
CA LEU B 303 -7.63 -25.33 21.28
C LEU B 303 -8.25 -24.63 22.48
N THR B 304 -7.59 -23.59 22.96
CA THR B 304 -8.09 -22.87 24.09
C THR B 304 -8.49 -21.48 23.64
N VAL B 305 -9.73 -21.10 23.92
CA VAL B 305 -10.17 -19.78 23.52
C VAL B 305 -10.12 -18.83 24.71
N VAL B 306 -9.48 -17.69 24.49
CA VAL B 306 -9.31 -16.64 25.48
C VAL B 306 -9.98 -15.41 24.90
N SER B 307 -9.93 -14.29 25.61
CA SER B 307 -10.57 -13.07 25.10
C SER B 307 -10.14 -11.81 25.81
N ALA B 308 -10.08 -10.70 25.08
CA ALA B 308 -9.72 -9.43 25.70
C ALA B 308 -10.94 -8.93 26.45
N PRO B 309 -10.78 -7.92 27.33
CA PRO B 309 -11.96 -7.45 28.04
C PRO B 309 -13.07 -7.06 27.10
N LYS B 310 -14.30 -7.41 27.48
CA LYS B 310 -15.48 -7.11 26.69
C LYS B 310 -16.41 -6.32 27.58
N TYR B 311 -16.87 -5.16 27.11
CA TYR B 311 -17.77 -4.33 27.91
C TYR B 311 -19.23 -4.68 27.71
N GLU B 312 -19.79 -5.42 28.67
CA GLU B 312 -21.19 -5.82 28.64
C GLU B 312 -22.07 -4.60 28.85
N GLN B 313 -21.44 -3.55 29.36
CA GLN B 313 -22.11 -2.30 29.65
C GLN B 313 -21.18 -1.12 29.53
N LYS B 314 -21.07 -0.54 28.34
CA LYS B 314 -20.18 0.58 28.14
C LYS B 314 -20.65 1.81 28.91
N PRO B 315 -19.77 2.40 29.72
CA PRO B 315 -20.13 3.60 30.50
C PRO B 315 -20.80 4.61 29.57
N GLU B 316 -21.76 5.36 30.09
CA GLU B 316 -22.43 6.33 29.23
C GLU B 316 -21.50 7.51 28.90
N LYS B 317 -21.69 8.08 27.72
CA LYS B 317 -20.86 9.19 27.29
C LYS B 317 -21.02 10.36 28.23
N VAL B 318 -22.24 10.56 28.73
CA VAL B 318 -22.51 11.64 29.67
C VAL B 318 -23.75 11.35 30.53
N ILE B 319 -23.70 11.85 31.76
CA ILE B 319 -24.79 11.72 32.72
C ILE B 319 -24.92 13.06 33.42
N VAL B 320 -26.12 13.63 33.36
CA VAL B 320 -26.36 14.90 34.05
C VAL B 320 -27.34 14.63 35.20
N VAL B 321 -26.94 15.00 36.41
CA VAL B 321 -27.81 14.80 37.54
C VAL B 321 -27.85 16.06 38.37
N LYS B 322 -28.81 16.10 39.30
CA LYS B 322 -29.00 17.25 40.16
C LYS B 322 -28.38 17.06 41.55
N GLN B 323 -27.69 18.10 42.00
CA GLN B 323 -27.07 18.10 43.30
C GLN B 323 -28.07 17.42 44.25
N GLY B 324 -27.68 16.31 44.86
CA GLY B 324 -28.60 15.63 45.76
C GLY B 324 -28.84 14.22 45.32
N GLN B 325 -29.42 14.05 44.14
CA GLN B 325 -29.71 12.69 43.65
C GLN B 325 -28.46 11.84 43.69
N ASP B 326 -28.66 10.53 43.62
CA ASP B 326 -27.56 9.56 43.62
C ASP B 326 -27.35 9.09 42.19
N VAL B 327 -26.11 9.15 41.72
CA VAL B 327 -25.82 8.72 40.37
C VAL B 327 -25.20 7.34 40.41
N THR B 328 -25.43 6.62 39.32
CA THR B 328 -24.88 5.28 39.19
C THR B 328 -24.21 5.14 37.81
N ILE B 329 -22.90 5.33 37.77
CA ILE B 329 -22.14 5.21 36.52
C ILE B 329 -22.11 3.71 36.22
N PRO B 330 -22.86 3.27 35.21
CA PRO B 330 -22.83 1.83 34.92
C PRO B 330 -21.54 1.37 34.27
N CYS B 331 -21.24 0.09 34.44
CA CYS B 331 -20.07 -0.55 33.85
C CYS B 331 -19.85 -2.01 34.25
N LYS B 332 -20.01 -2.90 33.29
CA LYS B 332 -19.81 -4.31 33.54
C LYS B 332 -18.86 -4.81 32.46
N VAL B 333 -17.85 -5.56 32.88
CA VAL B 333 -16.85 -6.08 31.97
C VAL B 333 -16.69 -7.59 32.16
N THR B 334 -16.46 -8.31 31.06
CA THR B 334 -16.24 -9.75 31.16
C THR B 334 -14.93 -10.01 30.45
N GLY B 335 -14.42 -11.22 30.53
CA GLY B 335 -13.17 -11.54 29.86
C GLY B 335 -12.61 -12.86 30.32
N LEU B 336 -11.61 -13.36 29.61
CA LEU B 336 -10.99 -14.64 29.94
C LEU B 336 -9.49 -14.56 29.67
N PRO B 337 -8.65 -14.56 30.73
CA PRO B 337 -9.01 -14.61 32.15
C PRO B 337 -9.84 -13.39 32.48
N ALA B 338 -10.38 -13.34 33.69
CA ALA B 338 -11.21 -12.20 34.06
C ALA B 338 -10.42 -10.89 34.05
N PRO B 339 -10.97 -9.86 33.40
CA PRO B 339 -10.23 -8.61 33.39
C PRO B 339 -10.28 -7.98 34.79
N ASN B 340 -9.42 -7.00 35.01
CA ASN B 340 -9.34 -6.34 36.29
C ASN B 340 -9.71 -4.87 36.10
N VAL B 341 -10.82 -4.44 36.70
CA VAL B 341 -11.32 -3.06 36.60
C VAL B 341 -10.66 -2.08 37.56
N VAL B 342 -10.26 -0.92 37.03
CA VAL B 342 -9.61 0.14 37.79
C VAL B 342 -10.39 1.41 37.49
N TRP B 343 -10.92 2.03 38.55
CA TRP B 343 -11.71 3.25 38.38
C TRP B 343 -10.90 4.53 38.60
N SER B 344 -11.29 5.59 37.91
CA SER B 344 -10.62 6.87 38.04
C SER B 344 -11.64 7.98 38.04
N HIS B 345 -11.26 9.12 38.61
CA HIS B 345 -12.08 10.31 38.67
C HIS B 345 -11.17 11.46 38.28
N ASN B 346 -11.46 12.11 37.15
CA ASN B 346 -10.61 13.20 36.70
C ASN B 346 -9.14 12.79 36.65
N ALA B 347 -8.89 11.62 36.06
CA ALA B 347 -7.54 11.08 35.87
C ALA B 347 -6.79 10.57 37.10
N LYS B 348 -7.50 10.30 38.18
CA LYS B 348 -6.85 9.80 39.41
C LYS B 348 -7.71 8.74 40.09
N PRO B 349 -7.11 7.99 41.03
CA PRO B 349 -7.83 6.92 41.77
C PRO B 349 -8.95 7.46 42.67
N LEU B 350 -9.94 6.62 42.96
CA LEU B 350 -11.05 7.01 43.80
C LEU B 350 -10.62 7.52 45.17
N SER B 351 -11.56 7.66 46.12
CA SER B 351 -11.24 8.15 47.48
C SER B 351 -12.15 7.72 48.67
N GLY B 352 -12.72 6.52 48.62
CA GLY B 352 -13.55 6.04 49.71
C GLY B 352 -14.79 6.88 49.95
N GLY B 353 -14.64 8.20 49.90
CA GLY B 353 -15.77 9.09 50.10
C GLY B 353 -16.90 8.93 49.09
N ARG B 354 -18.02 8.46 49.61
CA ARG B 354 -19.26 8.26 48.83
C ARG B 354 -19.23 7.27 47.66
N ALA B 355 -18.12 7.25 46.91
CA ALA B 355 -18.03 6.34 45.79
C ALA B 355 -18.04 4.88 46.26
N THR B 356 -19.08 4.15 45.86
CA THR B 356 -19.26 2.75 46.22
C THR B 356 -19.09 1.93 44.91
N VAL B 357 -18.16 0.98 44.93
CA VAL B 357 -17.90 0.18 43.75
C VAL B 357 -18.60 -1.17 43.70
N THR B 358 -19.58 -1.31 42.83
CA THR B 358 -20.27 -2.57 42.68
C THR B 358 -19.76 -3.18 41.37
N ASP B 359 -20.25 -4.37 41.03
CA ASP B 359 -19.81 -5.07 39.81
C ASP B 359 -20.42 -4.50 38.52
N SER B 360 -21.59 -3.86 38.66
CA SER B 360 -22.31 -3.30 37.53
C SER B 360 -22.07 -1.80 37.36
N GLY B 361 -21.15 -1.24 38.13
CA GLY B 361 -20.88 0.17 38.04
C GLY B 361 -20.43 0.82 39.33
N LEU B 362 -20.34 2.14 39.30
CA LEU B 362 -19.92 2.96 40.43
C LEU B 362 -21.12 3.72 40.98
N VAL B 363 -21.25 3.76 42.30
CA VAL B 363 -22.38 4.46 42.89
C VAL B 363 -22.00 5.55 43.87
N ILE B 364 -22.36 6.78 43.53
CA ILE B 364 -22.11 7.94 44.37
C ILE B 364 -23.47 8.29 44.93
N LYS B 365 -23.59 8.35 46.26
CA LYS B 365 -24.89 8.66 46.88
C LYS B 365 -25.15 10.16 47.06
N GLY B 366 -24.49 10.78 48.03
CA GLY B 366 -24.71 12.19 48.23
C GLY B 366 -23.99 13.03 47.20
N VAL B 367 -24.56 13.16 46.00
CA VAL B 367 -23.89 13.94 44.95
C VAL B 367 -23.70 15.42 45.32
N LYS B 368 -22.46 15.83 45.59
CA LYS B 368 -22.16 17.23 45.90
C LYS B 368 -21.56 17.82 44.60
N ASN B 369 -20.89 18.95 44.72
CA ASN B 369 -20.30 19.59 43.54
C ASN B 369 -18.96 18.97 43.15
N GLY B 370 -18.11 18.73 44.15
CA GLY B 370 -16.80 18.15 43.89
C GLY B 370 -16.84 16.74 43.32
N ASP B 371 -18.04 16.26 43.00
CA ASP B 371 -18.21 14.91 42.45
C ASP B 371 -18.24 14.98 40.93
N LYS B 372 -18.50 16.17 40.39
CA LYS B 372 -18.56 16.37 38.94
C LYS B 372 -17.26 15.95 38.31
N GLY B 373 -17.32 15.53 37.04
CA GLY B 373 -16.12 15.12 36.35
C GLY B 373 -16.22 13.84 35.54
N TYR B 374 -15.07 13.40 35.04
CA TYR B 374 -14.96 12.19 34.25
C TYR B 374 -14.61 10.99 35.10
N TYR B 375 -15.40 9.93 34.98
CA TYR B 375 -15.17 8.70 35.71
C TYR B 375 -14.78 7.62 34.71
N GLY B 376 -13.55 7.11 34.85
CA GLY B 376 -13.06 6.11 33.92
C GLY B 376 -12.98 4.68 34.39
N CYS B 377 -13.47 3.78 33.54
CA CYS B 377 -13.47 2.36 33.83
C CYS B 377 -12.43 1.69 32.95
N ARG B 378 -11.38 1.16 33.59
CA ARG B 378 -10.32 0.51 32.85
C ARG B 378 -10.38 -0.99 33.03
N ALA B 379 -10.62 -1.73 31.95
CA ALA B 379 -10.66 -3.19 32.02
C ALA B 379 -9.36 -3.69 31.40
N THR B 380 -8.70 -4.65 32.04
CA THR B 380 -7.43 -5.17 31.53
C THR B 380 -7.15 -6.62 31.87
N ASN B 381 -6.36 -7.27 31.02
CA ASN B 381 -5.91 -8.65 31.23
C ASN B 381 -4.80 -8.82 30.21
N GLU B 382 -4.15 -9.97 30.16
CA GLU B 382 -3.04 -10.09 29.23
C GLU B 382 -3.40 -10.14 27.75
N HIS B 383 -4.67 -9.91 27.41
CA HIS B 383 -5.03 -9.93 26.01
C HIS B 383 -5.60 -8.62 25.54
N GLY B 384 -5.58 -7.61 26.41
CA GLY B 384 -6.11 -6.33 26.03
C GLY B 384 -6.33 -5.35 27.16
N ASP B 385 -6.23 -4.07 26.80
CA ASP B 385 -6.42 -2.98 27.73
C ASP B 385 -7.42 -2.00 27.09
N LYS B 386 -8.59 -1.87 27.70
CA LYS B 386 -9.61 -1.00 27.20
C LYS B 386 -9.93 0.08 28.24
N TYR B 387 -10.46 1.21 27.78
CA TYR B 387 -10.82 2.33 28.67
C TYR B 387 -11.94 3.18 28.08
N PHE B 388 -12.98 3.42 28.87
CA PHE B 388 -14.11 4.24 28.45
C PHE B 388 -14.51 5.07 29.67
N GLU B 389 -14.71 6.36 29.48
CA GLU B 389 -15.04 7.21 30.62
C GLU B 389 -16.33 7.99 30.48
N THR B 390 -17.04 8.13 31.60
CA THR B 390 -18.30 8.85 31.65
C THR B 390 -18.10 10.19 32.34
N LEU B 391 -18.60 11.24 31.72
CA LEU B 391 -18.51 12.57 32.31
C LEU B 391 -19.77 12.76 33.14
N VAL B 392 -19.58 12.96 34.44
CA VAL B 392 -20.74 13.17 35.29
C VAL B 392 -20.88 14.66 35.55
N GLN B 393 -21.81 15.28 34.82
CA GLN B 393 -22.08 16.70 34.96
C GLN B 393 -23.29 16.87 35.86
N VAL B 394 -23.06 17.46 37.03
CA VAL B 394 -24.14 17.70 37.95
C VAL B 394 -24.33 19.22 38.02
N ASN B 395 -25.47 19.61 38.58
CA ASN B 395 -25.83 21.01 38.73
C ASN B 395 -27.15 21.05 39.50
P PO4 C . 4.65 -14.23 -27.50
O1 PO4 C . 3.53 -15.17 -27.10
O2 PO4 C . 5.75 -14.26 -26.42
O3 PO4 C . 5.26 -14.70 -28.80
O4 PO4 C . 4.02 -12.82 -27.68
P PO4 D . -13.17 -26.57 -1.28
O1 PO4 D . -14.08 -27.59 -1.95
O2 PO4 D . -12.70 -27.09 0.05
O3 PO4 D . -11.95 -26.33 -2.13
O4 PO4 D . -13.98 -25.28 -1.08
#